data_6NXD
#
_entry.id   6NXD
#
_cell.length_a   90.315
_cell.length_b   89.757
_cell.length_c   93.083
_cell.angle_alpha   90.000
_cell.angle_beta   117.030
_cell.angle_gamma   90.000
#
_symmetry.space_group_name_H-M   'P 1 21 1'
#
loop_
_entity.id
_entity.type
_entity.pdbx_description
1 polymer 'L-asparaginase 1'
2 non-polymer 'CHLORIDE ION'
3 non-polymer 'CITRIC ACID'
4 non-polymer ASPARAGINE
5 non-polymer 1,2-ETHANEDIOL
6 water water
#
_entity_poly.entity_id   1
_entity_poly.type   'polypeptide(L)'
_entity_poly.pdbx_seq_one_letter_code
;MGSSHHHHHHSSGLVPRGSHMQKKSIYVAYTGGTIGMQRSEQGYIPVSGHLQRQLALMPEFHRPEMPDFTIHEYTPLMDS
SDMTPEDWQHIAEDIKAHYDDYDGFVILHGTDTMAYTASALSFMLENLGKPVIVTGSQIPLAELRSDGQINLLNALYVAA
NYPINEVTLFFNNRLYRGNRTTKAHADGFDAFASPNLPPLLEAGIHIRRLNTPPAPHGEGELIVHPITPQPIGVVTIYPG
ISADVVRNFLRQPVKALILRSYGVGNAPQNKAFLQELQEASDRGIVVVNLTQCMSGKVNMGGYATGNALAHAGVIGGADM
TVEATLTKLHYLLSQELDTETIRKAMSQNLRGELTPDD
;
_entity_poly.pdbx_strand_id   A,B,C,D
#
# COMPACT_ATOMS: atom_id res chain seq x y z
N LYS A 23 17.07 -31.23 -16.01
CA LYS A 23 17.24 -30.54 -14.68
C LYS A 23 18.23 -29.37 -14.82
N LYS A 24 17.82 -28.18 -14.44
CA LYS A 24 18.61 -26.95 -14.64
C LYS A 24 19.81 -26.97 -13.68
N SER A 25 20.86 -26.24 -14.02
CA SER A 25 22.07 -26.04 -13.18
C SER A 25 22.24 -24.55 -12.95
N ILE A 26 22.22 -24.10 -11.70
CA ILE A 26 22.30 -22.65 -11.39
C ILE A 26 23.65 -22.39 -10.71
N TYR A 27 24.38 -21.37 -11.14
CA TYR A 27 25.62 -20.91 -10.48
C TYR A 27 25.30 -19.85 -9.43
N VAL A 28 25.85 -19.99 -8.23
CA VAL A 28 25.69 -19.05 -7.08
C VAL A 28 27.04 -18.39 -6.76
N ALA A 29 27.16 -17.08 -7.00
CA ALA A 29 28.31 -16.28 -6.55
C ALA A 29 27.99 -15.79 -5.14
N TYR A 30 28.66 -16.36 -4.14
CA TYR A 30 28.58 -15.91 -2.72
C TYR A 30 29.64 -14.83 -2.51
N THR A 31 29.25 -13.57 -2.65
CA THR A 31 30.17 -12.41 -2.71
C THR A 31 30.37 -11.88 -1.29
N GLY A 32 29.42 -12.20 -0.41
CA GLY A 32 29.46 -11.88 1.03
C GLY A 32 28.12 -11.38 1.50
N GLY A 33 28.14 -10.55 2.52
CA GLY A 33 26.96 -9.87 3.04
C GLY A 33 26.36 -10.59 4.24
N THR A 34 25.27 -10.00 4.74
CA THR A 34 24.57 -10.39 6.01
C THR A 34 24.32 -11.89 5.95
N ILE A 35 23.78 -12.37 4.81
CA ILE A 35 23.24 -13.76 4.64
C ILE A 35 24.19 -14.80 5.23
N GLY A 36 25.51 -14.57 5.18
CA GLY A 36 26.55 -15.56 5.52
C GLY A 36 27.33 -15.25 6.79
N MET A 37 26.96 -14.19 7.53
CA MET A 37 27.71 -13.72 8.73
C MET A 37 27.23 -14.47 9.97
N GLU A 60 15.60 -29.32 2.22
CA GLU A 60 14.69 -28.57 1.29
C GLU A 60 15.50 -28.09 0.07
N PHE A 61 16.75 -27.70 0.27
CA PHE A 61 17.62 -27.16 -0.81
C PHE A 61 17.97 -28.24 -1.84
N HIS A 62 18.08 -29.50 -1.43
CA HIS A 62 18.62 -30.61 -2.27
C HIS A 62 17.48 -31.54 -2.74
N ARG A 63 16.25 -31.32 -2.25
CA ARG A 63 15.05 -32.12 -2.60
C ARG A 63 14.76 -31.95 -4.10
N PRO A 64 13.95 -32.85 -4.74
CA PRO A 64 13.99 -33.04 -6.19
C PRO A 64 13.33 -31.98 -7.08
N GLU A 65 12.52 -31.07 -6.52
CA GLU A 65 11.86 -30.00 -7.30
C GLU A 65 12.88 -28.88 -7.57
N MET A 66 13.97 -28.84 -6.81
CA MET A 66 15.00 -27.75 -6.90
C MET A 66 15.95 -28.00 -8.08
N PRO A 67 16.50 -26.93 -8.67
CA PRO A 67 17.54 -27.07 -9.67
C PRO A 67 18.83 -27.56 -8.97
N ASP A 68 19.78 -28.09 -9.74
CA ASP A 68 21.16 -28.29 -9.21
C ASP A 68 21.75 -26.89 -9.06
N PHE A 69 22.60 -26.69 -8.07
CA PHE A 69 23.34 -25.41 -7.93
C PHE A 69 24.73 -25.68 -7.35
N THR A 70 25.65 -24.78 -7.66
CA THR A 70 27.01 -24.77 -7.11
C THR A 70 27.28 -23.40 -6.51
N ILE A 71 27.90 -23.37 -5.34
CA ILE A 71 28.26 -22.11 -4.65
C ILE A 71 29.77 -21.88 -4.78
N HIS A 72 30.14 -20.71 -5.29
CA HIS A 72 31.51 -20.18 -5.28
C HIS A 72 31.58 -19.14 -4.18
N GLU A 73 32.30 -19.44 -3.12
CA GLU A 73 32.61 -18.46 -2.04
C GLU A 73 33.75 -17.55 -2.48
N TYR A 74 33.47 -16.26 -2.60
CA TYR A 74 34.50 -15.27 -2.98
C TYR A 74 35.58 -15.29 -1.90
N THR A 75 36.79 -14.88 -2.25
CA THR A 75 37.88 -14.60 -1.28
C THR A 75 38.50 -13.24 -1.61
N PRO A 76 38.46 -12.21 -0.73
CA PRO A 76 37.71 -12.24 0.52
C PRO A 76 36.19 -12.13 0.34
N LEU A 77 35.45 -12.47 1.39
CA LEU A 77 34.01 -12.14 1.56
C LEU A 77 33.93 -10.68 1.96
N MET A 78 32.96 -9.96 1.40
CA MET A 78 32.89 -8.49 1.61
C MET A 78 31.53 -8.10 2.17
N ASP A 79 31.54 -7.26 3.20
CA ASP A 79 30.42 -6.38 3.58
C ASP A 79 30.14 -5.47 2.37
N SER A 80 28.91 -5.45 1.85
CA SER A 80 28.61 -4.67 0.64
C SER A 80 28.84 -3.16 0.85
N SER A 81 28.87 -2.67 2.11
CA SER A 81 29.22 -1.26 2.43
C SER A 81 30.66 -0.93 2.00
N ASP A 82 31.50 -1.97 1.83
CA ASP A 82 32.94 -1.85 1.47
C ASP A 82 33.17 -1.93 -0.05
N MET A 83 32.13 -2.17 -0.83
CA MET A 83 32.24 -2.35 -2.29
C MET A 83 32.73 -1.06 -2.96
N THR A 84 33.58 -1.24 -3.96
CA THR A 84 34.04 -0.20 -4.88
C THR A 84 33.57 -0.62 -6.26
N PRO A 85 33.56 0.29 -7.25
CA PRO A 85 33.15 -0.08 -8.60
C PRO A 85 33.99 -1.24 -9.19
N GLU A 86 35.26 -1.38 -8.83
CA GLU A 86 36.08 -2.53 -9.30
C GLU A 86 35.49 -3.87 -8.81
N ASP A 87 34.76 -3.90 -7.68
CA ASP A 87 34.05 -5.11 -7.23
C ASP A 87 32.93 -5.44 -8.24
N TRP A 88 32.30 -4.46 -8.88
CA TRP A 88 31.29 -4.76 -9.94
C TRP A 88 31.95 -5.53 -11.07
N GLN A 89 33.16 -5.07 -11.44
CA GLN A 89 33.96 -5.67 -12.50
C GLN A 89 34.23 -7.14 -12.13
N HIS A 90 34.66 -7.44 -10.89
CA HIS A 90 35.07 -8.80 -10.49
C HIS A 90 33.86 -9.73 -10.64
N ILE A 91 32.66 -9.26 -10.27
CA ILE A 91 31.43 -10.08 -10.37
C ILE A 91 31.10 -10.29 -11.85
N ALA A 92 31.17 -9.25 -12.68
CA ALA A 92 30.77 -9.38 -14.11
C ALA A 92 31.67 -10.42 -14.79
N GLU A 93 32.98 -10.36 -14.51
CA GLU A 93 33.99 -11.27 -15.09
C GLU A 93 33.77 -12.71 -14.55
N ASP A 94 33.31 -12.88 -13.31
CA ASP A 94 32.93 -14.18 -12.71
C ASP A 94 31.70 -14.75 -13.44
N ILE A 95 30.73 -13.90 -13.73
CA ILE A 95 29.55 -14.36 -14.51
C ILE A 95 30.02 -14.74 -15.91
N LYS A 96 30.98 -13.98 -16.47
CA LYS A 96 31.46 -14.24 -17.84
C LYS A 96 32.13 -15.62 -17.91
N ALA A 97 33.04 -15.90 -16.97
CA ALA A 97 33.77 -17.19 -16.88
C ALA A 97 32.78 -18.37 -16.83
N HIS A 98 31.70 -18.26 -16.04
CA HIS A 98 30.70 -19.34 -15.78
C HIS A 98 29.50 -19.38 -16.75
N TYR A 99 29.33 -18.39 -17.64
CA TYR A 99 28.08 -18.14 -18.40
C TYR A 99 27.63 -19.39 -19.18
N ASP A 100 28.53 -19.94 -19.99
CA ASP A 100 28.25 -21.10 -20.88
C ASP A 100 27.80 -22.36 -20.12
N ASP A 101 28.19 -22.55 -18.86
CA ASP A 101 28.05 -23.88 -18.19
C ASP A 101 26.90 -23.91 -17.17
N TYR A 102 26.09 -22.87 -17.13
CA TYR A 102 24.96 -22.77 -16.18
C TYR A 102 23.78 -22.17 -16.92
N ASP A 103 22.59 -22.52 -16.45
CA ASP A 103 21.31 -22.04 -17.05
C ASP A 103 20.92 -20.69 -16.46
N GLY A 104 21.54 -20.30 -15.36
CA GLY A 104 21.23 -19.03 -14.65
C GLY A 104 22.23 -18.75 -13.53
N PHE A 105 22.14 -17.57 -12.97
CA PHE A 105 23.17 -17.02 -12.07
C PHE A 105 22.45 -16.39 -10.90
N VAL A 106 22.83 -16.73 -9.68
CA VAL A 106 22.34 -16.06 -8.45
C VAL A 106 23.55 -15.46 -7.78
N ILE A 107 23.46 -14.16 -7.50
CA ILE A 107 24.53 -13.35 -6.87
C ILE A 107 24.11 -13.06 -5.43
N LEU A 108 24.80 -13.71 -4.49
CA LEU A 108 24.56 -13.48 -3.04
C LEU A 108 25.41 -12.31 -2.58
N HIS A 109 24.76 -11.37 -1.91
CA HIS A 109 25.22 -9.98 -1.78
C HIS A 109 24.62 -9.34 -0.52
N GLY A 110 25.42 -8.54 0.17
CA GLY A 110 24.95 -7.63 1.22
C GLY A 110 23.89 -6.71 0.71
N THR A 111 22.97 -6.30 1.56
CA THR A 111 21.84 -5.47 1.13
C THR A 111 22.26 -4.01 0.93
N ASP A 112 23.27 -3.48 1.68
CA ASP A 112 23.58 -2.03 1.70
C ASP A 112 23.77 -1.51 0.27
N THR A 113 24.48 -2.24 -0.61
CA THR A 113 24.78 -1.75 -1.99
C THR A 113 24.30 -2.76 -3.03
N MET A 114 23.35 -3.64 -2.69
CA MET A 114 22.83 -4.63 -3.66
C MET A 114 22.34 -3.94 -4.94
N ALA A 115 21.57 -2.85 -4.79
CA ALA A 115 20.94 -2.09 -5.91
C ALA A 115 22.00 -1.47 -6.82
N TYR A 116 23.12 -1.02 -6.24
CA TYR A 116 24.25 -0.48 -7.01
C TYR A 116 24.84 -1.59 -7.88
N THR A 117 25.17 -2.74 -7.29
CA THR A 117 25.70 -3.91 -8.03
C THR A 117 24.71 -4.33 -9.10
N ALA A 118 23.43 -4.54 -8.75
CA ALA A 118 22.40 -4.98 -9.72
C ALA A 118 22.43 -4.03 -10.93
N SER A 119 22.38 -2.73 -10.62
CA SER A 119 22.35 -1.65 -11.63
C SER A 119 23.60 -1.77 -12.48
N ALA A 120 24.79 -1.90 -11.88
CA ALA A 120 26.06 -1.94 -12.66
C ALA A 120 26.06 -3.15 -13.62
N LEU A 121 25.73 -4.34 -13.10
CA LEU A 121 25.72 -5.60 -13.88
C LEU A 121 24.78 -5.41 -15.10
N SER A 122 23.67 -4.69 -14.96
CA SER A 122 22.73 -4.47 -16.11
C SER A 122 23.43 -3.73 -17.27
N PHE A 123 24.30 -2.79 -16.98
CA PHE A 123 25.00 -2.02 -18.06
C PHE A 123 26.13 -2.90 -18.62
N MET A 124 26.85 -3.54 -17.71
CA MET A 124 28.11 -4.22 -18.06
C MET A 124 27.81 -5.47 -18.86
N LEU A 125 26.66 -6.08 -18.62
CA LEU A 125 26.22 -7.28 -19.38
C LEU A 125 25.34 -6.77 -20.52
N GLU A 126 25.69 -7.16 -21.72
CA GLU A 126 24.93 -6.78 -22.94
C GLU A 126 24.58 -8.05 -23.69
N ASN A 127 23.41 -8.06 -24.29
CA ASN A 127 22.85 -9.26 -24.96
C ASN A 127 22.75 -10.42 -23.96
N LEU A 128 22.31 -10.17 -22.73
CA LEU A 128 22.19 -11.24 -21.70
C LEU A 128 21.15 -12.26 -22.15
N GLY A 129 21.51 -13.54 -22.13
CA GLY A 129 20.65 -14.62 -22.63
C GLY A 129 20.18 -15.58 -21.57
N LYS A 130 20.56 -15.34 -20.32
CA LYS A 130 20.19 -16.16 -19.14
C LYS A 130 19.91 -15.21 -17.98
N PRO A 131 19.10 -15.62 -16.99
CA PRO A 131 18.79 -14.80 -15.81
C PRO A 131 19.98 -14.60 -14.88
N VAL A 132 20.12 -13.38 -14.38
CA VAL A 132 21.11 -13.06 -13.33
C VAL A 132 20.26 -12.42 -12.25
N ILE A 133 20.15 -13.08 -11.10
CA ILE A 133 19.32 -12.64 -9.96
C ILE A 133 20.27 -12.34 -8.78
N VAL A 134 20.27 -11.08 -8.32
CA VAL A 134 20.97 -10.64 -7.08
C VAL A 134 19.98 -10.78 -5.93
N THR A 135 20.43 -11.35 -4.82
CA THR A 135 19.60 -11.46 -3.60
C THR A 135 20.51 -11.50 -2.40
N GLY A 136 19.91 -11.66 -1.23
CA GLY A 136 20.62 -11.71 0.05
C GLY A 136 19.64 -11.72 1.20
N SER A 137 20.03 -11.18 2.35
CA SER A 137 19.17 -11.16 3.57
C SER A 137 19.41 -9.92 4.43
N GLN A 138 18.36 -9.52 5.15
CA GLN A 138 18.40 -8.44 6.16
C GLN A 138 18.92 -9.04 7.47
N ILE A 139 18.68 -10.32 7.70
CA ILE A 139 19.20 -11.07 8.87
C ILE A 139 20.17 -12.15 8.37
N PRO A 140 21.40 -12.27 8.96
CA PRO A 140 22.30 -13.38 8.64
C PRO A 140 21.65 -14.76 8.72
N LEU A 141 21.94 -15.63 7.74
CA LEU A 141 21.51 -17.06 7.70
C LEU A 141 21.77 -17.70 9.07
N ALA A 142 22.83 -17.27 9.77
CA ALA A 142 23.28 -17.76 11.10
C ALA A 142 22.34 -17.27 12.23
N GLU A 143 21.76 -16.07 12.11
CA GLU A 143 20.89 -15.48 13.15
C GLU A 143 19.49 -16.09 12.98
N LEU A 144 18.72 -16.10 14.06
CA LEU A 144 17.30 -16.53 14.12
C LEU A 144 16.44 -15.60 13.27
N ARG A 145 15.37 -16.14 12.66
CA ARG A 145 14.34 -15.44 11.82
C ARG A 145 14.97 -14.95 10.49
N SER A 146 16.09 -15.51 10.08
CA SER A 146 16.78 -15.17 8.80
C SER A 146 15.82 -15.28 7.62
N ASP A 147 15.91 -14.30 6.73
CA ASP A 147 15.26 -14.35 5.40
C ASP A 147 16.20 -14.98 4.35
N GLY A 148 17.42 -15.42 4.73
CA GLY A 148 18.45 -15.82 3.75
C GLY A 148 18.02 -17.06 2.98
N GLN A 149 17.60 -18.08 3.71
CA GLN A 149 17.20 -19.40 3.15
C GLN A 149 16.10 -19.19 2.13
N ILE A 150 15.05 -18.42 2.47
CA ILE A 150 13.85 -18.27 1.58
C ILE A 150 14.18 -17.33 0.41
N ASN A 151 15.06 -16.32 0.58
CA ASN A 151 15.44 -15.47 -0.60
C ASN A 151 16.29 -16.30 -1.59
N LEU A 152 17.22 -17.13 -1.09
CA LEU A 152 18.09 -17.96 -1.97
C LEU A 152 17.28 -19.06 -2.68
N LEU A 153 16.50 -19.82 -1.93
CA LEU A 153 15.63 -20.91 -2.45
C LEU A 153 14.80 -20.32 -3.59
N ASN A 154 14.13 -19.19 -3.34
CA ASN A 154 13.29 -18.49 -4.34
C ASN A 154 14.09 -18.07 -5.55
N ALA A 155 15.24 -17.45 -5.35
CA ALA A 155 16.07 -16.97 -6.47
C ALA A 155 16.50 -18.17 -7.34
N LEU A 156 17.00 -19.26 -6.75
CA LEU A 156 17.37 -20.50 -7.49
C LEU A 156 16.15 -21.01 -8.27
N TYR A 157 15.03 -21.15 -7.57
CA TYR A 157 13.81 -21.74 -8.17
C TYR A 157 13.32 -20.86 -9.33
N VAL A 158 13.35 -19.54 -9.17
CA VAL A 158 12.88 -18.59 -10.20
C VAL A 158 13.87 -18.58 -11.38
N ALA A 159 15.16 -18.59 -11.09
CA ALA A 159 16.19 -18.61 -12.16
C ALA A 159 15.93 -19.83 -13.05
N ALA A 160 15.58 -20.98 -12.45
CA ALA A 160 15.44 -22.27 -13.16
C ALA A 160 14.12 -22.30 -13.93
N ASN A 161 13.02 -21.81 -13.33
CA ASN A 161 11.63 -22.15 -13.76
C ASN A 161 10.94 -20.94 -14.39
N TYR A 162 11.36 -19.72 -14.06
CA TYR A 162 10.77 -18.48 -14.63
C TYR A 162 11.89 -17.56 -15.07
N PRO A 163 12.75 -18.02 -16.02
CA PRO A 163 13.93 -17.25 -16.42
C PRO A 163 13.48 -15.97 -17.14
N ILE A 164 14.10 -14.84 -16.79
CA ILE A 164 13.94 -13.54 -17.48
C ILE A 164 15.35 -13.03 -17.71
N ASN A 165 15.67 -12.70 -18.96
CA ASN A 165 17.07 -12.54 -19.42
C ASN A 165 17.48 -11.08 -19.15
N GLU A 166 17.54 -10.73 -17.86
CA GLU A 166 17.77 -9.38 -17.31
C GLU A 166 18.58 -9.56 -16.02
N VAL A 167 19.32 -8.54 -15.63
CA VAL A 167 19.82 -8.48 -14.24
C VAL A 167 18.65 -8.06 -13.35
N THR A 168 18.28 -8.95 -12.43
CA THR A 168 17.15 -8.78 -11.52
C THR A 168 17.65 -8.86 -10.08
N LEU A 169 16.81 -8.32 -9.19
CA LEU A 169 16.98 -8.37 -7.73
C LEU A 169 15.72 -9.06 -7.19
N PHE A 170 15.91 -10.23 -6.58
CA PHE A 170 14.83 -10.99 -5.89
C PHE A 170 14.86 -10.61 -4.40
N PHE A 171 13.73 -10.15 -3.83
CA PHE A 171 13.63 -9.85 -2.37
C PHE A 171 12.19 -9.92 -1.87
N ASN A 172 11.96 -10.64 -0.79
CA ASN A 172 10.64 -10.71 -0.12
C ASN A 172 9.56 -11.00 -1.18
N ASN A 173 9.70 -12.12 -1.90
CA ASN A 173 8.64 -12.68 -2.80
C ASN A 173 8.41 -11.83 -4.05
N ARG A 174 9.29 -10.90 -4.36
CA ARG A 174 9.21 -10.09 -5.59
C ARG A 174 10.55 -10.11 -6.33
N LEU A 175 10.44 -10.09 -7.66
CA LEU A 175 11.57 -9.93 -8.58
C LEU A 175 11.41 -8.59 -9.27
N TYR A 176 12.44 -7.79 -9.16
CA TYR A 176 12.52 -6.40 -9.63
C TYR A 176 13.58 -6.29 -10.73
N ARG A 177 13.40 -5.36 -11.67
CA ARG A 177 14.50 -5.02 -12.62
C ARG A 177 15.62 -4.38 -11.80
N GLY A 178 16.85 -4.90 -11.93
CA GLY A 178 17.98 -4.52 -11.08
C GLY A 178 18.25 -3.02 -11.12
N ASN A 179 18.18 -2.43 -12.30
CA ASN A 179 18.56 -1.00 -12.51
C ASN A 179 17.40 -0.05 -12.19
N ARG A 180 16.36 -0.58 -11.53
CA ARG A 180 15.19 0.24 -11.07
C ARG A 180 15.09 0.20 -9.55
N THR A 181 15.97 -0.54 -8.86
CA THR A 181 15.90 -0.85 -7.42
C THR A 181 16.62 0.18 -6.57
N THR A 182 16.16 0.28 -5.34
CA THR A 182 16.79 1.02 -4.24
C THR A 182 16.50 0.27 -2.96
N LYS A 183 17.48 0.23 -2.04
CA LYS A 183 17.23 -0.15 -0.62
C LYS A 183 16.45 0.99 0.05
N ALA A 184 15.14 0.80 0.20
CA ALA A 184 14.17 1.81 0.63
C ALA A 184 13.87 1.67 2.12
N HIS A 185 14.03 0.47 2.68
CA HIS A 185 13.57 0.17 4.06
C HIS A 185 14.73 -0.52 4.80
N ALA A 186 15.53 0.25 5.51
CA ALA A 186 16.76 -0.23 6.22
C ALA A 186 16.45 -1.40 7.18
N ASP A 187 15.27 -1.42 7.80
CA ASP A 187 14.99 -2.35 8.92
C ASP A 187 14.00 -3.44 8.51
N GLY A 188 13.38 -3.33 7.33
CA GLY A 188 12.25 -4.18 6.89
C GLY A 188 12.72 -5.39 6.10
N PHE A 189 11.93 -6.48 6.17
CA PHE A 189 12.19 -7.63 5.28
C PHE A 189 11.93 -7.24 3.82
N ASP A 190 10.96 -6.34 3.56
CA ASP A 190 10.67 -5.77 2.23
C ASP A 190 11.70 -4.66 1.96
N ALA A 191 13.00 -4.93 2.07
CA ALA A 191 14.11 -3.93 2.08
C ALA A 191 14.17 -3.08 0.79
N PHE A 192 13.89 -3.69 -0.37
CA PHE A 192 14.06 -3.10 -1.71
C PHE A 192 12.73 -2.63 -2.30
N ALA A 193 12.78 -1.49 -2.98
CA ALA A 193 11.63 -1.00 -3.79
C ALA A 193 12.10 -0.79 -5.24
N SER A 194 11.14 -0.74 -6.13
CA SER A 194 11.32 -0.37 -7.55
C SER A 194 10.33 0.76 -7.82
N PRO A 195 10.64 1.98 -7.37
CA PRO A 195 9.66 3.07 -7.26
C PRO A 195 8.95 3.48 -8.57
N ASN A 196 9.65 3.42 -9.72
CA ASN A 196 9.14 3.88 -11.04
C ASN A 196 8.81 2.70 -11.97
N LEU A 197 8.84 1.46 -11.48
CA LEU A 197 8.51 0.27 -12.31
C LEU A 197 7.92 -0.83 -11.43
N PRO A 198 6.77 -1.40 -11.82
CA PRO A 198 6.24 -2.57 -11.13
C PRO A 198 7.27 -3.69 -11.12
N PRO A 199 7.16 -4.68 -10.22
CA PRO A 199 7.98 -5.88 -10.30
C PRO A 199 7.76 -6.66 -11.61
N LEU A 200 8.72 -7.50 -11.95
CA LEU A 200 8.63 -8.37 -13.15
C LEU A 200 7.87 -9.63 -12.76
N LEU A 201 7.96 -10.02 -11.48
CA LEU A 201 7.40 -11.33 -11.05
C LEU A 201 7.08 -11.30 -9.55
N GLU A 202 6.02 -11.97 -9.14
CA GLU A 202 5.63 -12.03 -7.72
C GLU A 202 5.33 -13.48 -7.36
N ALA A 203 5.76 -13.91 -6.18
CA ALA A 203 5.59 -15.29 -5.69
C ALA A 203 4.55 -15.32 -4.59
N GLY A 204 3.51 -16.14 -4.78
CA GLY A 204 2.56 -16.59 -3.76
C GLY A 204 2.44 -18.10 -3.83
N ILE A 205 1.23 -18.64 -3.71
CA ILE A 205 0.96 -20.08 -3.95
C ILE A 205 1.52 -20.45 -5.34
N HIS A 206 1.32 -19.57 -6.32
CA HIS A 206 1.91 -19.63 -7.67
C HIS A 206 2.87 -18.46 -7.87
N ILE A 207 3.79 -18.64 -8.81
CA ILE A 207 4.68 -17.54 -9.30
C ILE A 207 4.04 -17.06 -10.60
N ARG A 208 3.80 -15.76 -10.72
CA ARG A 208 3.39 -15.19 -12.02
C ARG A 208 4.33 -14.06 -12.44
N ARG A 209 4.72 -14.09 -13.72
CA ARG A 209 5.29 -12.94 -14.47
C ARG A 209 4.20 -11.89 -14.51
N LEU A 210 4.52 -10.62 -14.25
CA LEU A 210 3.54 -9.51 -14.41
C LEU A 210 3.69 -8.95 -15.83
N ASN A 211 2.78 -8.07 -16.25
CA ASN A 211 2.76 -7.51 -17.61
C ASN A 211 3.62 -6.24 -17.68
N THR A 212 4.75 -6.22 -16.99
CA THR A 212 5.72 -5.10 -16.98
C THR A 212 6.36 -4.99 -18.37
N PRO A 213 6.43 -3.78 -18.99
CA PRO A 213 7.05 -3.67 -20.31
C PRO A 213 8.47 -4.24 -20.31
N PRO A 214 8.83 -5.18 -21.21
CA PRO A 214 10.21 -5.65 -21.35
C PRO A 214 11.24 -4.54 -21.59
N ALA A 215 12.48 -4.75 -21.14
CA ALA A 215 13.65 -3.86 -21.34
C ALA A 215 14.10 -3.95 -22.80
N PRO A 216 14.82 -2.94 -23.33
CA PRO A 216 15.45 -3.06 -24.64
C PRO A 216 16.42 -4.21 -24.40
N HIS A 217 16.46 -5.18 -25.31
CA HIS A 217 17.15 -6.48 -25.12
C HIS A 217 17.88 -6.91 -26.40
N GLY A 218 19.20 -6.88 -26.36
CA GLY A 218 20.03 -7.33 -27.48
C GLY A 218 20.03 -8.84 -27.59
N GLU A 219 19.97 -9.34 -28.84
CA GLU A 219 20.17 -10.76 -29.17
C GLU A 219 21.56 -10.94 -29.79
N GLY A 220 22.24 -12.02 -29.45
CA GLY A 220 23.59 -12.29 -29.95
C GLY A 220 24.48 -12.81 -28.85
N GLU A 221 25.78 -12.82 -29.11
CA GLU A 221 26.83 -13.24 -28.15
C GLU A 221 26.78 -12.30 -26.95
N LEU A 222 26.87 -12.84 -25.73
CA LEU A 222 27.00 -12.03 -24.49
C LEU A 222 28.20 -11.11 -24.67
N ILE A 223 28.03 -9.82 -24.42
CA ILE A 223 29.19 -8.87 -24.38
C ILE A 223 29.36 -8.43 -22.94
N VAL A 224 30.57 -8.50 -22.41
CA VAL A 224 30.83 -8.07 -21.01
C VAL A 224 31.81 -6.89 -21.04
N HIS A 225 31.32 -5.73 -20.61
CA HIS A 225 32.05 -4.45 -20.72
C HIS A 225 32.83 -4.22 -19.44
N PRO A 226 34.18 -4.19 -19.50
CA PRO A 226 34.97 -3.84 -18.34
C PRO A 226 34.80 -2.35 -18.02
N ILE A 227 35.06 -1.99 -16.78
CA ILE A 227 35.06 -0.58 -16.34
C ILE A 227 36.41 -0.32 -15.68
N THR A 228 36.75 0.95 -15.53
CA THR A 228 37.96 1.45 -14.84
C THR A 228 37.57 2.65 -13.98
N PRO A 229 38.35 2.96 -12.92
CA PRO A 229 37.93 3.95 -11.94
C PRO A 229 37.53 5.27 -12.61
N GLN A 230 36.48 5.87 -12.08
CA GLN A 230 35.88 7.14 -12.56
C GLN A 230 35.53 7.91 -11.31
N PRO A 231 36.09 9.12 -11.12
CA PRO A 231 35.72 10.00 -10.01
C PRO A 231 34.41 10.72 -10.37
N ILE A 232 33.40 10.53 -9.51
CA ILE A 232 32.01 11.03 -9.71
C ILE A 232 31.53 11.62 -8.38
N GLY A 233 30.93 12.81 -8.46
CA GLY A 233 30.37 13.52 -7.31
C GLY A 233 28.88 13.38 -7.28
N VAL A 234 28.34 13.34 -6.08
CA VAL A 234 26.87 13.28 -5.87
C VAL A 234 26.53 14.46 -4.95
N VAL A 235 25.85 15.45 -5.51
CA VAL A 235 25.37 16.70 -4.86
C VAL A 235 23.88 16.55 -4.59
N THR A 236 23.50 16.76 -3.34
CA THR A 236 22.08 16.86 -2.90
C THR A 236 21.68 18.33 -2.88
N ILE A 237 20.58 18.68 -3.54
CA ILE A 237 20.10 20.09 -3.53
C ILE A 237 19.27 20.28 -2.26
N TYR A 238 19.55 21.32 -1.50
CA TYR A 238 18.83 21.60 -0.22
C TYR A 238 18.91 23.08 0.06
N PRO A 239 18.01 23.63 0.91
CA PRO A 239 18.04 25.07 1.19
C PRO A 239 19.37 25.51 1.83
N GLY A 240 20.00 26.55 1.27
CA GLY A 240 21.29 27.10 1.75
C GLY A 240 22.51 26.40 1.20
N ILE A 241 22.38 25.61 0.11
CA ILE A 241 23.55 25.03 -0.65
C ILE A 241 24.33 26.17 -1.35
N SER A 242 25.66 26.09 -1.35
CA SER A 242 26.58 27.17 -1.86
C SER A 242 27.25 26.72 -3.15
N ALA A 243 27.48 27.67 -4.07
CA ALA A 243 28.33 27.52 -5.29
C ALA A 243 29.65 26.78 -4.98
N ASP A 244 30.20 26.92 -3.76
CA ASP A 244 31.53 26.34 -3.37
C ASP A 244 31.54 24.82 -3.60
N VAL A 245 30.44 24.12 -3.28
CA VAL A 245 30.31 22.66 -3.46
C VAL A 245 30.62 22.34 -4.93
N VAL A 246 29.97 23.02 -5.88
CA VAL A 246 30.22 22.74 -7.33
C VAL A 246 31.66 23.19 -7.68
N ARG A 247 32.12 24.30 -7.10
CA ARG A 247 33.52 24.80 -7.33
C ARG A 247 34.53 23.75 -6.85
N ASN A 248 34.24 23.04 -5.75
CA ASN A 248 35.17 22.07 -5.13
C ASN A 248 35.39 20.87 -6.08
N PHE A 249 34.31 20.27 -6.57
CA PHE A 249 34.31 19.11 -7.50
C PHE A 249 34.92 19.47 -8.86
N LEU A 250 34.77 20.72 -9.31
CA LEU A 250 35.35 21.19 -10.60
C LEU A 250 36.87 21.22 -10.49
N ARG A 251 37.40 21.37 -9.27
CA ARG A 251 38.84 21.63 -8.97
C ARG A 251 39.59 20.32 -8.70
N GLN A 252 38.91 19.31 -8.13
CA GLN A 252 39.45 17.92 -8.00
C GLN A 252 38.92 17.10 -9.17
N PRO A 253 39.62 17.06 -10.31
CA PRO A 253 38.97 16.69 -11.57
C PRO A 253 38.11 15.42 -11.45
N VAL A 254 36.85 15.67 -11.08
CA VAL A 254 35.70 14.73 -11.26
C VAL A 254 35.40 14.70 -12.76
N LYS A 255 34.83 13.61 -13.26
CA LYS A 255 34.45 13.45 -14.68
C LYS A 255 32.93 13.60 -14.82
N ALA A 256 32.23 13.60 -13.70
CA ALA A 256 30.75 13.61 -13.72
C ALA A 256 30.22 14.07 -12.37
N LEU A 257 29.06 14.73 -12.40
CA LEU A 257 28.36 15.30 -11.23
C LEU A 257 26.90 14.86 -11.34
N ILE A 258 26.40 14.17 -10.34
CA ILE A 258 24.96 13.83 -10.19
C ILE A 258 24.31 14.80 -9.22
N LEU A 259 23.23 15.48 -9.65
CA LEU A 259 22.48 16.44 -8.80
C LEU A 259 21.22 15.73 -8.34
N ARG A 260 21.00 15.65 -7.03
CA ARG A 260 19.70 15.18 -6.48
C ARG A 260 18.87 16.44 -6.24
N SER A 261 18.09 16.83 -7.25
CA SER A 261 17.29 18.08 -7.32
C SER A 261 15.91 17.87 -6.73
N TYR A 262 15.22 18.95 -6.40
CA TYR A 262 13.81 18.94 -5.95
C TYR A 262 12.83 18.47 -7.04
N GLY A 263 11.82 17.72 -6.60
CA GLY A 263 10.63 17.50 -7.43
C GLY A 263 10.99 16.98 -8.81
N VAL A 264 10.57 17.66 -9.87
CA VAL A 264 10.82 17.28 -11.28
C VAL A 264 12.11 17.97 -11.78
N GLY A 265 13.00 18.33 -10.86
CA GLY A 265 14.41 18.62 -11.21
C GLY A 265 14.73 20.09 -11.02
N ASN A 266 14.19 20.73 -9.98
CA ASN A 266 14.42 22.18 -9.75
C ASN A 266 15.57 22.37 -8.76
N ALA A 267 16.29 23.47 -8.91
CA ALA A 267 17.30 23.92 -7.95
C ALA A 267 17.09 25.42 -7.76
N PRO A 268 17.60 26.04 -6.67
CA PRO A 268 17.55 27.50 -6.55
C PRO A 268 18.32 28.12 -7.74
N GLN A 269 17.93 29.34 -8.17
CA GLN A 269 18.38 29.97 -9.45
C GLN A 269 19.57 30.91 -9.22
N ASN A 270 20.09 30.97 -8.00
CA ASN A 270 21.39 31.59 -7.60
C ASN A 270 22.41 31.59 -8.76
N LYS A 271 22.75 32.77 -9.31
CA LYS A 271 23.60 32.94 -10.53
C LYS A 271 24.99 32.28 -10.34
N ALA A 272 25.62 32.38 -9.18
CA ALA A 272 26.93 31.72 -8.85
C ALA A 272 26.83 30.20 -9.01
N PHE A 273 25.73 29.59 -8.52
CA PHE A 273 25.45 28.14 -8.70
C PHE A 273 25.45 27.82 -10.20
N LEU A 274 24.50 28.40 -10.91
CA LEU A 274 24.27 28.16 -12.36
C LEU A 274 25.59 28.36 -13.10
N GLN A 275 26.41 29.34 -12.69
CA GLN A 275 27.72 29.65 -13.31
C GLN A 275 28.71 28.51 -13.07
N GLU A 276 28.89 28.06 -11.83
CA GLU A 276 29.78 26.91 -11.52
C GLU A 276 29.34 25.68 -12.33
N LEU A 277 28.05 25.40 -12.42
CA LEU A 277 27.55 24.23 -13.18
C LEU A 277 27.95 24.39 -14.65
N GLN A 278 27.73 25.57 -15.22
CA GLN A 278 28.12 25.85 -16.63
C GLN A 278 29.63 25.64 -16.77
N GLU A 279 30.43 26.11 -15.81
CA GLU A 279 31.92 25.97 -15.86
C GLU A 279 32.25 24.48 -15.90
N ALA A 280 31.57 23.66 -15.08
CA ALA A 280 31.78 22.20 -15.06
C ALA A 280 31.57 21.63 -16.47
N SER A 281 30.44 21.93 -17.11
CA SER A 281 30.13 21.39 -18.47
C SER A 281 31.15 21.92 -19.48
N ASP A 282 31.54 23.21 -19.37
CA ASP A 282 32.61 23.81 -20.22
C ASP A 282 33.88 22.96 -20.14
N ARG A 283 34.25 22.49 -18.94
CA ARG A 283 35.46 21.65 -18.72
C ARG A 283 35.23 20.20 -19.17
N GLY A 284 34.05 19.83 -19.66
CA GLY A 284 33.73 18.48 -20.19
C GLY A 284 33.17 17.53 -19.13
N ILE A 285 32.77 18.05 -17.98
CA ILE A 285 32.20 17.23 -16.88
C ILE A 285 30.73 16.95 -17.23
N VAL A 286 30.30 15.69 -17.11
CA VAL A 286 28.89 15.27 -17.35
C VAL A 286 28.09 15.57 -16.08
N VAL A 287 27.18 16.53 -16.15
CA VAL A 287 26.27 16.94 -15.05
C VAL A 287 24.86 16.42 -15.40
N VAL A 288 24.36 15.53 -14.56
CA VAL A 288 23.04 14.83 -14.77
C VAL A 288 22.13 15.22 -13.61
N ASN A 289 20.88 15.54 -13.94
CA ASN A 289 19.88 16.05 -12.99
C ASN A 289 18.93 14.89 -12.69
N LEU A 290 18.85 14.46 -11.45
CA LEU A 290 17.91 13.40 -10.98
C LEU A 290 16.99 14.07 -9.96
N THR A 291 15.87 13.43 -9.66
CA THR A 291 14.99 13.85 -8.56
C THR A 291 15.52 13.17 -7.31
N GLN A 292 15.68 13.95 -6.24
CA GLN A 292 15.95 13.43 -4.88
C GLN A 292 14.74 12.61 -4.42
N CYS A 293 13.55 12.78 -5.01
CA CYS A 293 12.30 12.06 -4.61
C CYS A 293 12.46 10.56 -4.85
N MET A 294 11.77 9.75 -4.05
CA MET A 294 11.72 8.27 -4.19
C MET A 294 11.15 7.88 -5.57
N SER A 295 10.08 8.52 -6.04
CA SER A 295 9.54 8.22 -7.39
C SER A 295 9.38 9.52 -8.18
N GLY A 296 9.32 9.38 -9.51
CA GLY A 296 8.97 10.42 -10.50
C GLY A 296 10.04 10.73 -11.50
N LYS A 297 9.77 11.68 -12.38
CA LYS A 297 10.57 11.92 -13.60
C LYS A 297 11.03 13.38 -13.65
N VAL A 298 12.34 13.60 -13.80
CA VAL A 298 12.83 14.96 -14.06
C VAL A 298 12.29 15.43 -15.41
N ASN A 299 11.89 16.70 -15.48
CA ASN A 299 11.29 17.38 -16.65
C ASN A 299 11.56 18.89 -16.58
N ALA A 308 17.16 26.59 -17.61
CA ALA A 308 18.25 27.33 -16.92
C ALA A 308 19.42 26.37 -16.69
N LEU A 309 19.16 25.36 -15.86
CA LEU A 309 20.00 24.14 -15.74
C LEU A 309 20.37 23.65 -17.14
N ALA A 310 19.38 23.52 -18.03
CA ALA A 310 19.57 23.07 -19.43
C ALA A 310 20.54 24.03 -20.14
N HIS A 311 20.33 25.34 -19.98
CA HIS A 311 21.19 26.45 -20.48
C HIS A 311 22.62 26.29 -19.94
N ALA A 312 22.73 25.76 -18.71
CA ALA A 312 23.99 25.55 -17.97
C ALA A 312 24.67 24.23 -18.37
N GLY A 313 24.10 23.48 -19.31
CA GLY A 313 24.68 22.24 -19.89
C GLY A 313 24.28 20.97 -19.14
N VAL A 314 23.40 21.07 -18.15
CA VAL A 314 22.92 19.91 -17.34
C VAL A 314 22.00 19.04 -18.20
N ILE A 315 22.17 17.72 -18.10
CA ILE A 315 21.37 16.66 -18.77
C ILE A 315 20.30 16.14 -17.81
N GLY A 316 19.05 15.97 -18.28
CA GLY A 316 17.94 15.32 -17.54
C GLY A 316 18.15 13.82 -17.46
N GLY A 317 18.15 13.21 -16.27
CA GLY A 317 18.22 11.76 -16.07
C GLY A 317 16.83 11.11 -15.98
N ALA A 318 15.76 11.79 -16.40
CA ALA A 318 14.39 11.23 -16.42
C ALA A 318 14.08 10.63 -15.03
N ASP A 319 13.63 9.38 -14.97
CA ASP A 319 13.20 8.77 -13.68
C ASP A 319 14.27 7.80 -13.19
N MET A 320 15.55 8.01 -13.55
CA MET A 320 16.63 7.09 -13.13
C MET A 320 16.88 7.29 -11.63
N THR A 321 17.13 6.18 -10.95
CA THR A 321 17.67 6.12 -9.59
C THR A 321 19.10 6.71 -9.59
N VAL A 322 19.58 7.05 -8.41
CA VAL A 322 21.01 7.43 -8.26
C VAL A 322 21.86 6.19 -8.60
N GLU A 323 21.41 5.01 -8.21
CA GLU A 323 22.16 3.75 -8.44
C GLU A 323 22.35 3.54 -9.95
N ALA A 324 21.27 3.66 -10.73
CA ALA A 324 21.30 3.48 -12.18
C ALA A 324 22.25 4.51 -12.80
N THR A 325 22.08 5.78 -12.43
CA THR A 325 22.80 6.96 -12.99
C THR A 325 24.30 6.82 -12.71
N LEU A 326 24.70 6.54 -11.48
CA LEU A 326 26.13 6.38 -11.09
C LEU A 326 26.78 5.24 -11.89
N THR A 327 26.12 4.10 -11.99
CA THR A 327 26.69 2.89 -12.61
C THR A 327 26.72 3.08 -14.14
N LYS A 328 25.68 3.70 -14.68
CA LYS A 328 25.60 4.03 -16.12
C LYS A 328 26.77 4.92 -16.46
N LEU A 329 27.07 5.87 -15.59
CA LEU A 329 28.22 6.79 -15.78
C LEU A 329 29.53 6.01 -15.71
N HIS A 330 29.73 5.11 -14.75
CA HIS A 330 30.92 4.21 -14.71
C HIS A 330 31.06 3.46 -16.03
N TYR A 331 29.97 2.84 -16.52
CA TYR A 331 29.89 2.09 -17.79
C TYR A 331 30.35 2.96 -18.97
N LEU A 332 29.67 4.09 -19.20
CA LEU A 332 29.85 4.93 -20.42
C LEU A 332 31.19 5.67 -20.35
N LEU A 333 31.60 6.16 -19.18
CA LEU A 333 32.89 6.87 -19.01
C LEU A 333 34.05 5.89 -19.33
N SER A 334 33.85 4.59 -19.13
CA SER A 334 34.87 3.51 -19.26
C SER A 334 35.06 3.08 -20.71
N GLN A 335 34.09 3.39 -21.59
CA GLN A 335 34.16 3.10 -23.03
C GLN A 335 34.85 4.32 -23.66
N GLU A 336 35.15 4.33 -24.95
CA GLU A 336 35.93 5.47 -25.52
C GLU A 336 34.96 6.32 -26.34
N LEU A 337 34.12 7.08 -25.63
CA LEU A 337 33.01 7.90 -26.18
C LEU A 337 33.30 9.39 -25.93
N ASP A 338 32.97 10.26 -26.90
CA ASP A 338 33.03 11.74 -26.73
C ASP A 338 32.19 12.11 -25.48
N THR A 339 32.47 13.25 -24.86
CA THR A 339 31.63 13.81 -23.77
C THR A 339 30.19 13.94 -24.31
N GLU A 340 30.03 14.27 -25.59
CA GLU A 340 28.72 14.61 -26.17
C GLU A 340 27.90 13.35 -26.37
N THR A 341 28.56 12.25 -26.78
CA THR A 341 27.97 10.90 -26.90
C THR A 341 27.56 10.43 -25.49
N ILE A 342 28.41 10.67 -24.49
CA ILE A 342 28.10 10.24 -23.09
C ILE A 342 26.85 11.01 -22.65
N ARG A 343 26.79 12.32 -22.93
CA ARG A 343 25.69 13.24 -22.51
C ARG A 343 24.37 12.77 -23.15
N LYS A 344 24.37 12.35 -24.42
CA LYS A 344 23.14 11.88 -25.12
C LYS A 344 22.72 10.49 -24.63
N ALA A 345 23.68 9.60 -24.39
CA ALA A 345 23.44 8.22 -23.91
C ALA A 345 22.80 8.25 -22.50
N MET A 346 23.16 9.22 -21.66
CA MET A 346 22.66 9.29 -20.26
C MET A 346 21.13 9.46 -20.25
N SER A 347 20.55 10.09 -21.27
CA SER A 347 19.11 10.34 -21.32
C SER A 347 18.38 9.26 -22.12
N GLN A 348 19.10 8.31 -22.76
CA GLN A 348 18.48 7.21 -23.57
C GLN A 348 18.29 5.97 -22.69
N ASN A 349 17.24 5.20 -22.95
CA ASN A 349 16.93 3.93 -22.26
C ASN A 349 17.83 2.79 -22.78
N LEU A 350 18.96 2.50 -22.12
CA LEU A 350 19.92 1.49 -22.60
C LEU A 350 19.54 0.08 -22.16
N ARG A 351 18.96 -0.08 -20.99
CA ARG A 351 18.72 -1.43 -20.38
C ARG A 351 17.44 -1.44 -19.56
N GLY A 352 16.52 -0.51 -19.78
CA GLY A 352 15.20 -0.54 -19.11
C GLY A 352 15.21 0.30 -17.83
N GLU A 353 16.29 1.08 -17.58
CA GLU A 353 16.51 1.88 -16.34
C GLU A 353 15.68 3.16 -16.31
N LEU A 354 15.11 3.61 -17.42
CA LEU A 354 14.36 4.91 -17.45
C LEU A 354 13.19 4.78 -18.44
N THR A 355 12.20 5.64 -18.24
CA THR A 355 10.94 5.61 -19.02
C THR A 355 11.09 6.71 -20.07
N PRO A 356 11.18 6.38 -21.37
CA PRO A 356 11.30 7.40 -22.40
C PRO A 356 9.97 8.16 -22.55
N ASP A 357 10.05 9.38 -23.06
CA ASP A 357 8.92 10.35 -23.05
C ASP A 357 7.65 9.70 -23.64
N PRO B 16 3.32 -5.96 25.22
CA PRO B 16 4.42 -6.04 26.22
C PRO B 16 5.70 -6.65 25.60
N ARG B 17 6.88 -6.12 25.94
CA ARG B 17 8.18 -6.81 25.71
C ARG B 17 8.47 -7.63 26.97
N GLY B 18 8.20 -8.94 26.91
CA GLY B 18 8.39 -9.86 28.04
C GLY B 18 9.87 -10.14 28.29
N SER B 19 10.23 -10.48 29.52
CA SER B 19 11.57 -10.97 29.94
C SER B 19 12.00 -12.17 29.09
N HIS B 20 13.31 -12.26 28.81
CA HIS B 20 13.96 -13.35 28.04
C HIS B 20 14.74 -14.28 28.99
N MET B 21 14.68 -14.02 30.31
CA MET B 21 15.53 -14.61 31.37
C MET B 21 15.36 -16.15 31.43
N GLN B 22 14.14 -16.71 31.56
CA GLN B 22 13.98 -18.19 31.64
C GLN B 22 13.43 -18.76 30.31
N LYS B 23 13.88 -19.97 29.96
CA LYS B 23 13.41 -20.74 28.78
C LYS B 23 11.90 -21.00 28.90
N LYS B 24 11.13 -20.46 27.96
CA LYS B 24 9.65 -20.59 28.00
C LYS B 24 9.26 -21.97 27.51
N SER B 25 8.00 -22.36 27.74
CA SER B 25 7.44 -23.61 27.19
C SER B 25 6.15 -23.23 26.46
N ILE B 26 6.11 -23.42 25.14
CA ILE B 26 4.93 -23.10 24.28
C ILE B 26 4.22 -24.40 23.88
N TYR B 27 2.91 -24.46 24.06
CA TYR B 27 2.07 -25.58 23.59
C TYR B 27 1.55 -25.25 22.18
N VAL B 28 1.78 -26.18 21.26
CA VAL B 28 1.35 -26.09 19.84
C VAL B 28 0.20 -27.08 19.60
N ALA B 29 -0.98 -26.54 19.39
CA ALA B 29 -2.18 -27.28 18.96
C ALA B 29 -2.10 -27.40 17.43
N TYR B 30 -1.66 -28.57 16.95
CA TYR B 30 -1.59 -28.90 15.51
C TYR B 30 -2.99 -29.37 15.08
N THR B 31 -3.89 -28.44 14.72
CA THR B 31 -5.32 -28.74 14.44
C THR B 31 -5.46 -29.33 13.03
N GLY B 32 -4.49 -29.08 12.15
CA GLY B 32 -4.53 -29.43 10.72
C GLY B 32 -4.07 -28.26 9.88
N GLY B 33 -4.49 -28.24 8.62
CA GLY B 33 -4.18 -27.14 7.71
C GLY B 33 -3.09 -27.52 6.73
N THR B 34 -2.77 -26.57 5.85
CA THR B 34 -1.86 -26.69 4.71
C THR B 34 -0.46 -27.07 5.24
N ILE B 35 -0.15 -26.69 6.49
CA ILE B 35 1.26 -26.71 6.99
C ILE B 35 1.73 -28.17 7.01
N GLY B 36 0.85 -29.09 7.41
CA GLY B 36 1.25 -30.49 7.67
C GLY B 36 1.08 -31.43 6.48
N MET B 37 0.52 -30.96 5.35
CA MET B 37 0.11 -31.84 4.21
C MET B 37 1.31 -32.09 3.29
N SER B 48 0.51 -37.99 9.42
CA SER B 48 0.58 -38.01 10.91
C SER B 48 2.02 -38.31 11.35
N GLY B 49 2.54 -37.49 12.27
CA GLY B 49 3.96 -37.49 12.69
C GLY B 49 4.84 -36.71 11.74
N HIS B 50 4.32 -36.31 10.57
CA HIS B 50 5.07 -35.69 9.45
C HIS B 50 5.56 -34.29 9.86
N LEU B 51 4.66 -33.44 10.39
CA LEU B 51 5.02 -32.09 10.94
C LEU B 51 6.16 -32.23 11.96
N GLN B 52 5.91 -33.02 13.00
CA GLN B 52 6.78 -33.17 14.19
C GLN B 52 8.16 -33.67 13.75
N ARG B 53 8.20 -34.64 12.83
CA ARG B 53 9.48 -35.09 12.22
C ARG B 53 10.12 -33.94 11.44
N GLN B 54 9.33 -33.17 10.68
CA GLN B 54 9.91 -32.11 9.82
C GLN B 54 10.56 -31.08 10.73
N LEU B 55 9.95 -30.79 11.88
CA LEU B 55 10.43 -29.74 12.80
C LEU B 55 11.67 -30.24 13.54
N ALA B 56 11.71 -31.52 13.90
CA ALA B 56 12.88 -32.20 14.49
C ALA B 56 14.12 -31.96 13.61
N LEU B 57 13.92 -32.03 12.28
CA LEU B 57 15.00 -31.98 11.25
C LEU B 57 15.44 -30.54 10.92
N MET B 58 14.79 -29.52 11.49
CA MET B 58 15.04 -28.10 11.11
C MET B 58 15.74 -27.43 12.28
N PRO B 59 17.07 -27.22 12.18
CA PRO B 59 17.86 -26.79 13.34
C PRO B 59 17.40 -25.47 13.99
N GLU B 60 16.89 -24.56 13.15
CA GLU B 60 16.39 -23.22 13.54
C GLU B 60 15.53 -23.34 14.81
N PHE B 61 14.67 -24.34 14.84
CA PHE B 61 13.64 -24.57 15.88
C PHE B 61 14.26 -24.98 17.23
N HIS B 62 15.52 -25.43 17.25
CA HIS B 62 16.15 -26.04 18.45
C HIS B 62 17.30 -25.20 18.98
N ARG B 63 17.46 -23.96 18.53
CA ARG B 63 18.55 -23.06 19.00
C ARG B 63 18.28 -22.60 20.43
N PRO B 64 19.33 -22.10 21.12
CA PRO B 64 19.16 -21.68 22.51
C PRO B 64 18.15 -20.53 22.66
N GLU B 65 18.07 -19.63 21.67
CA GLU B 65 17.23 -18.42 21.74
C GLU B 65 15.76 -18.74 21.51
N MET B 66 15.43 -19.97 21.12
CA MET B 66 14.03 -20.43 20.84
C MET B 66 13.46 -21.07 22.10
N PRO B 67 12.13 -20.94 22.32
CA PRO B 67 11.46 -21.53 23.47
C PRO B 67 11.40 -23.04 23.24
N ASP B 68 11.22 -23.80 24.30
CA ASP B 68 10.87 -25.25 24.23
C ASP B 68 9.43 -25.28 23.73
N PHE B 69 9.05 -26.34 23.01
CA PHE B 69 7.63 -26.47 22.59
C PHE B 69 7.24 -27.94 22.53
N THR B 70 5.94 -28.17 22.69
CA THR B 70 5.30 -29.50 22.72
C THR B 70 4.19 -29.46 21.68
N ILE B 71 4.16 -30.40 20.73
CA ILE B 71 3.10 -30.45 19.68
C ILE B 71 2.00 -31.42 20.13
N HIS B 72 0.74 -30.97 20.11
CA HIS B 72 -0.43 -31.86 20.22
C HIS B 72 -1.04 -31.97 18.83
N GLU B 73 -0.86 -33.11 18.17
CA GLU B 73 -1.37 -33.35 16.82
C GLU B 73 -2.80 -33.88 16.99
N TYR B 74 -3.76 -33.21 16.35
CA TYR B 74 -5.19 -33.52 16.47
C TYR B 74 -5.44 -34.78 15.66
N THR B 75 -6.38 -35.60 16.11
CA THR B 75 -6.87 -36.79 15.36
C THR B 75 -8.38 -36.73 15.23
N PRO B 76 -8.90 -36.64 13.99
CA PRO B 76 -8.06 -36.48 12.81
C PRO B 76 -7.57 -35.03 12.67
N LEU B 77 -6.54 -34.78 11.86
CA LEU B 77 -6.18 -33.42 11.35
C LEU B 77 -7.27 -32.97 10.40
N MET B 78 -7.62 -31.69 10.41
CA MET B 78 -8.74 -31.16 9.56
C MET B 78 -8.23 -30.13 8.55
N ASP B 79 -8.78 -30.19 7.34
CA ASP B 79 -8.83 -29.05 6.40
C ASP B 79 -9.72 -28.03 7.11
N SER B 80 -9.28 -26.77 7.22
CA SER B 80 -10.01 -25.71 7.96
C SER B 80 -11.36 -25.42 7.28
N SER B 81 -11.52 -25.80 6.01
CA SER B 81 -12.77 -25.66 5.22
C SER B 81 -13.92 -26.47 5.83
N ASP B 82 -13.61 -27.52 6.60
CA ASP B 82 -14.57 -28.54 7.10
C ASP B 82 -14.92 -28.23 8.57
N MET B 83 -14.40 -27.11 9.07
CA MET B 83 -14.57 -26.70 10.49
C MET B 83 -15.98 -26.21 10.77
N THR B 84 -16.44 -26.54 11.97
CA THR B 84 -17.76 -26.15 12.52
C THR B 84 -17.53 -25.50 13.87
N PRO B 85 -18.51 -24.82 14.49
CA PRO B 85 -18.33 -24.29 15.85
C PRO B 85 -17.80 -25.31 16.88
N GLU B 86 -18.15 -26.61 16.76
CA GLU B 86 -17.68 -27.68 17.69
C GLU B 86 -16.15 -27.74 17.73
N ASP B 87 -15.52 -27.46 16.59
CA ASP B 87 -14.05 -27.41 16.45
C ASP B 87 -13.49 -26.23 17.25
N TRP B 88 -14.12 -25.03 17.19
CA TRP B 88 -13.72 -23.91 18.05
C TRP B 88 -13.74 -24.38 19.50
N GLN B 89 -14.81 -25.09 19.90
CA GLN B 89 -14.99 -25.58 21.29
C GLN B 89 -13.85 -26.54 21.66
N HIS B 90 -13.52 -27.49 20.78
CA HIS B 90 -12.42 -28.49 20.93
C HIS B 90 -11.14 -27.73 21.26
N ILE B 91 -10.80 -26.76 20.40
CA ILE B 91 -9.53 -26.01 20.56
C ILE B 91 -9.53 -25.25 21.90
N ALA B 92 -10.62 -24.56 22.23
CA ALA B 92 -10.76 -23.82 23.50
C ALA B 92 -10.59 -24.77 24.68
N GLU B 93 -11.15 -25.99 24.65
CA GLU B 93 -11.01 -27.00 25.73
C GLU B 93 -9.55 -27.45 25.84
N ASP B 94 -8.86 -27.56 24.69
CA ASP B 94 -7.45 -28.00 24.64
C ASP B 94 -6.58 -26.94 25.33
N ILE B 95 -6.87 -25.65 25.11
CA ILE B 95 -6.11 -24.51 25.71
C ILE B 95 -6.35 -24.54 27.23
N LYS B 96 -7.59 -24.76 27.67
CA LYS B 96 -8.00 -24.70 29.10
C LYS B 96 -7.30 -25.87 29.80
N ALA B 97 -7.31 -27.04 29.18
CA ALA B 97 -6.71 -28.27 29.76
C ALA B 97 -5.22 -28.04 30.03
N HIS B 98 -4.53 -27.25 29.22
CA HIS B 98 -3.05 -27.12 29.26
C HIS B 98 -2.62 -25.73 29.75
N TYR B 99 -3.57 -24.89 30.13
CA TYR B 99 -3.33 -23.45 30.43
C TYR B 99 -2.26 -23.26 31.51
N ASP B 100 -2.40 -23.94 32.67
CA ASP B 100 -1.43 -23.73 33.79
C ASP B 100 -0.07 -24.33 33.47
N ASP B 101 0.02 -25.20 32.48
CA ASP B 101 1.24 -26.02 32.27
C ASP B 101 2.19 -25.32 31.28
N TYR B 102 1.73 -24.32 30.53
CA TYR B 102 2.59 -23.72 29.47
C TYR B 102 2.57 -22.21 29.60
N ASP B 103 3.52 -21.55 28.94
CA ASP B 103 3.66 -20.07 29.00
C ASP B 103 2.87 -19.44 27.85
N GLY B 104 2.35 -20.25 26.92
CA GLY B 104 1.73 -19.65 25.73
C GLY B 104 1.31 -20.73 24.80
N PHE B 105 0.49 -20.36 23.82
CA PHE B 105 -0.22 -21.32 22.94
C PHE B 105 -0.07 -20.85 21.50
N VAL B 106 0.44 -21.70 20.63
CA VAL B 106 0.30 -21.51 19.16
C VAL B 106 -0.72 -22.52 18.60
N ILE B 107 -1.74 -22.02 17.92
CA ILE B 107 -2.75 -22.83 17.21
C ILE B 107 -2.33 -22.90 15.72
N LEU B 108 -1.82 -24.05 15.28
CA LEU B 108 -1.50 -24.37 13.86
C LEU B 108 -2.79 -24.79 13.16
N HIS B 109 -3.14 -24.15 12.06
CA HIS B 109 -4.52 -24.12 11.52
C HIS B 109 -4.46 -23.88 10.02
N GLY B 110 -5.41 -24.44 9.27
CA GLY B 110 -5.57 -24.12 7.85
C GLY B 110 -5.88 -22.65 7.65
N THR B 111 -5.44 -22.05 6.56
CA THR B 111 -5.71 -20.60 6.35
C THR B 111 -7.21 -20.33 6.07
N ASP B 112 -7.91 -21.21 5.36
CA ASP B 112 -9.28 -20.94 4.88
C ASP B 112 -10.17 -20.35 6.00
N THR B 113 -10.15 -20.87 7.23
CA THR B 113 -11.07 -20.36 8.28
C THR B 113 -10.28 -19.97 9.53
N MET B 114 -9.02 -19.61 9.32
CA MET B 114 -8.16 -19.25 10.45
C MET B 114 -8.75 -18.06 11.19
N ALA B 115 -9.29 -17.08 10.44
CA ALA B 115 -9.85 -15.83 10.98
C ALA B 115 -11.15 -16.13 11.76
N TYR B 116 -11.97 -17.12 11.34
CA TYR B 116 -13.17 -17.52 12.11
C TYR B 116 -12.71 -18.16 13.43
N THR B 117 -11.70 -19.03 13.45
CA THR B 117 -11.25 -19.67 14.70
C THR B 117 -10.66 -18.62 15.63
N ALA B 118 -9.80 -17.73 15.15
CA ALA B 118 -9.15 -16.71 15.99
C ALA B 118 -10.25 -15.84 16.60
N SER B 119 -11.26 -15.47 15.84
CA SER B 119 -12.38 -14.60 16.31
C SER B 119 -13.19 -15.37 17.38
N ALA B 120 -13.53 -16.61 17.13
CA ALA B 120 -14.29 -17.41 18.13
C ALA B 120 -13.51 -17.53 19.44
N LEU B 121 -12.21 -17.83 19.39
CA LEU B 121 -11.46 -17.99 20.65
C LEU B 121 -11.46 -16.69 21.46
N SER B 122 -11.42 -15.53 20.84
CA SER B 122 -11.29 -14.25 21.56
C SER B 122 -12.51 -14.06 22.48
N PHE B 123 -13.68 -14.40 22.00
CA PHE B 123 -14.94 -14.29 22.78
C PHE B 123 -15.01 -15.38 23.85
N MET B 124 -14.59 -16.60 23.53
CA MET B 124 -14.79 -17.78 24.42
C MET B 124 -13.82 -17.68 25.62
N LEU B 125 -12.61 -17.15 25.40
CA LEU B 125 -11.55 -17.14 26.45
C LEU B 125 -11.67 -15.86 27.30
N GLU B 126 -12.25 -15.94 28.50
CA GLU B 126 -12.31 -14.80 29.46
C GLU B 126 -11.17 -14.95 30.47
N ASN B 127 -10.60 -13.83 30.90
CA ASN B 127 -9.43 -13.77 31.82
C ASN B 127 -8.18 -14.40 31.19
N LEU B 128 -7.97 -14.15 29.91
CA LEU B 128 -6.84 -14.78 29.18
C LEU B 128 -5.58 -14.02 29.59
N GLY B 129 -4.64 -14.67 30.29
CA GLY B 129 -3.42 -14.04 30.83
C GLY B 129 -2.16 -14.59 30.19
N LYS B 130 -2.27 -15.17 28.99
CA LYS B 130 -1.15 -15.79 28.26
C LYS B 130 -1.48 -15.63 26.79
N PRO B 131 -0.47 -15.49 25.92
CA PRO B 131 -0.71 -15.32 24.49
C PRO B 131 -1.28 -16.61 23.87
N VAL B 132 -2.19 -16.40 22.93
CA VAL B 132 -2.68 -17.48 22.05
C VAL B 132 -2.56 -16.94 20.64
N ILE B 133 -1.76 -17.61 19.83
CA ILE B 133 -1.40 -17.17 18.46
C ILE B 133 -1.79 -18.24 17.45
N VAL B 134 -2.69 -17.86 16.54
CA VAL B 134 -3.10 -18.72 15.41
C VAL B 134 -2.20 -18.33 14.23
N THR B 135 -1.69 -19.36 13.58
CA THR B 135 -0.84 -19.25 12.38
C THR B 135 -0.95 -20.52 11.56
N GLY B 136 -0.30 -20.52 10.42
CA GLY B 136 -0.27 -21.62 9.47
C GLY B 136 0.50 -21.21 8.26
N SER B 137 0.11 -21.71 7.10
CA SER B 137 0.88 -21.51 5.87
C SER B 137 -0.02 -21.56 4.64
N GLN B 138 0.38 -20.81 3.63
CA GLN B 138 -0.28 -20.81 2.30
C GLN B 138 0.20 -22.04 1.51
N ILE B 139 1.42 -22.50 1.80
CA ILE B 139 2.09 -23.67 1.15
C ILE B 139 2.53 -24.65 2.24
N PRO B 140 2.19 -25.95 2.08
CA PRO B 140 2.62 -27.00 3.02
C PRO B 140 4.11 -27.03 3.33
N LEU B 141 4.46 -27.27 4.60
CA LEU B 141 5.87 -27.45 5.07
C LEU B 141 6.60 -28.45 4.16
N ALA B 142 5.89 -29.47 3.70
CA ALA B 142 6.36 -30.59 2.84
C ALA B 142 6.60 -30.15 1.38
N GLU B 143 6.09 -28.99 0.96
CA GLU B 143 6.28 -28.51 -0.43
C GLU B 143 7.49 -27.57 -0.47
N LEU B 144 7.92 -27.20 -1.67
CA LEU B 144 8.96 -26.16 -1.90
C LEU B 144 8.37 -24.78 -1.65
N ARG B 145 9.19 -23.82 -1.20
CA ARG B 145 8.84 -22.39 -1.03
C ARG B 145 7.78 -22.23 0.08
N SER B 146 7.64 -23.21 0.94
CA SER B 146 6.74 -23.13 2.12
C SER B 146 7.00 -21.88 2.97
N ASP B 147 5.92 -21.23 3.43
CA ASP B 147 5.94 -20.12 4.43
C ASP B 147 5.71 -20.71 5.83
N GLY B 148 5.51 -22.03 5.96
CA GLY B 148 5.18 -22.66 7.25
C GLY B 148 6.29 -22.53 8.30
N GLN B 149 7.50 -22.94 7.97
CA GLN B 149 8.76 -22.76 8.76
C GLN B 149 8.78 -21.35 9.41
N ILE B 150 8.78 -20.29 8.58
CA ILE B 150 8.90 -18.91 9.10
C ILE B 150 7.65 -18.49 9.88
N ASN B 151 6.41 -18.80 9.44
CA ASN B 151 5.25 -18.36 10.25
C ASN B 151 5.27 -19.05 11.62
N LEU B 152 5.62 -20.33 11.70
CA LEU B 152 5.58 -21.05 12.99
C LEU B 152 6.78 -20.64 13.84
N LEU B 153 7.97 -20.53 13.27
CA LEU B 153 9.13 -20.05 14.08
C LEU B 153 8.80 -18.70 14.71
N ASN B 154 8.20 -17.78 13.94
CA ASN B 154 7.91 -16.40 14.42
C ASN B 154 6.87 -16.47 15.54
N ALA B 155 5.83 -17.27 15.33
CA ALA B 155 4.72 -17.43 16.29
C ALA B 155 5.28 -17.88 17.64
N LEU B 156 6.12 -18.94 17.64
CA LEU B 156 6.77 -19.49 18.86
C LEU B 156 7.56 -18.39 19.52
N TYR B 157 8.44 -17.74 18.76
CA TYR B 157 9.35 -16.70 19.30
C TYR B 157 8.55 -15.51 19.84
N VAL B 158 7.47 -15.12 19.17
CA VAL B 158 6.60 -14.02 19.63
C VAL B 158 5.84 -14.44 20.88
N ALA B 159 5.22 -15.62 20.88
CA ALA B 159 4.51 -16.13 22.06
C ALA B 159 5.43 -16.08 23.29
N ALA B 160 6.69 -16.51 23.16
CA ALA B 160 7.67 -16.54 24.28
C ALA B 160 8.07 -15.13 24.74
N ASN B 161 8.19 -14.15 23.83
CA ASN B 161 8.98 -12.92 24.10
C ASN B 161 8.10 -11.67 24.09
N TYR B 162 6.89 -11.75 23.53
CA TYR B 162 5.96 -10.60 23.34
C TYR B 162 4.57 -11.10 23.67
N PRO B 163 4.36 -11.45 24.95
CA PRO B 163 3.23 -12.29 25.38
C PRO B 163 1.91 -11.53 25.56
N ILE B 164 1.42 -10.96 24.46
CA ILE B 164 0.17 -10.17 24.39
C ILE B 164 -1.00 -11.10 24.79
N ASN B 165 -1.74 -10.74 25.85
CA ASN B 165 -2.87 -11.54 26.42
C ASN B 165 -4.15 -11.35 25.60
N GLU B 166 -4.07 -11.78 24.35
CA GLU B 166 -5.17 -11.75 23.38
C GLU B 166 -5.01 -12.98 22.48
N VAL B 167 -6.13 -13.33 21.85
CA VAL B 167 -6.03 -14.28 20.72
C VAL B 167 -5.55 -13.48 19.52
N THR B 168 -4.38 -13.84 18.99
CA THR B 168 -3.80 -13.11 17.86
C THR B 168 -3.64 -14.07 16.69
N LEU B 169 -3.27 -13.50 15.54
CA LEU B 169 -3.06 -14.27 14.31
C LEU B 169 -1.72 -13.82 13.74
N PHE B 170 -0.75 -14.71 13.56
CA PHE B 170 0.59 -14.30 13.05
C PHE B 170 0.67 -14.75 11.60
N PHE B 171 0.89 -13.84 10.67
CA PHE B 171 1.14 -14.24 9.28
C PHE B 171 2.06 -13.25 8.57
N ASN B 172 3.10 -13.72 7.88
CA ASN B 172 3.87 -12.84 6.95
C ASN B 172 4.40 -11.62 7.71
N ASN B 173 5.05 -11.86 8.83
CA ASN B 173 5.81 -10.85 9.63
C ASN B 173 4.91 -9.85 10.36
N ARG B 174 3.61 -10.10 10.47
CA ARG B 174 2.69 -9.24 11.28
C ARG B 174 1.91 -10.11 12.27
N LEU B 175 1.70 -9.58 13.46
CA LEU B 175 0.79 -10.10 14.47
C LEU B 175 -0.44 -9.21 14.47
N TYR B 176 -1.58 -9.83 14.24
CA TYR B 176 -2.87 -9.13 14.19
C TYR B 176 -3.74 -9.51 15.39
N ARG B 177 -4.62 -8.58 15.80
CA ARG B 177 -5.78 -8.89 16.66
C ARG B 177 -6.64 -9.93 15.91
N GLY B 178 -6.82 -11.11 16.50
CA GLY B 178 -7.55 -12.23 15.87
C GLY B 178 -8.91 -11.82 15.34
N ASN B 179 -9.70 -11.15 16.17
CA ASN B 179 -11.10 -10.80 15.85
C ASN B 179 -11.15 -9.54 15.00
N ARG B 180 -10.00 -9.04 14.53
CA ARG B 180 -9.99 -8.01 13.45
C ARG B 180 -9.57 -8.54 12.07
N THR B 181 -9.25 -9.82 11.90
CA THR B 181 -8.65 -10.37 10.66
C THR B 181 -9.71 -10.95 9.72
N THR B 182 -9.33 -10.98 8.45
CA THR B 182 -9.94 -11.81 7.39
C THR B 182 -8.80 -12.30 6.48
N LYS B 183 -8.98 -13.46 5.87
CA LYS B 183 -8.13 -13.89 4.73
C LYS B 183 -8.49 -13.04 3.49
N ALA B 184 -7.69 -12.03 3.19
CA ALA B 184 -7.96 -11.03 2.13
C ALA B 184 -7.38 -11.46 0.77
N HIS B 185 -6.33 -12.28 0.76
CA HIS B 185 -5.49 -12.54 -0.42
C HIS B 185 -5.35 -14.06 -0.53
N ALA B 186 -6.13 -14.70 -1.40
CA ALA B 186 -6.24 -16.17 -1.37
C ALA B 186 -4.93 -16.80 -1.86
N ASP B 187 -4.17 -16.09 -2.70
CA ASP B 187 -2.98 -16.64 -3.40
C ASP B 187 -1.70 -16.03 -2.79
N GLY B 188 -1.81 -14.98 -2.00
CA GLY B 188 -0.61 -14.28 -1.50
C GLY B 188 -0.05 -14.93 -0.25
N PHE B 189 1.24 -14.80 -0.01
CA PHE B 189 1.79 -15.08 1.34
C PHE B 189 1.24 -14.08 2.38
N ASP B 190 0.95 -12.84 2.00
CA ASP B 190 0.26 -11.82 2.87
C ASP B 190 -1.23 -12.16 2.91
N ALA B 191 -1.62 -13.43 3.16
CA ALA B 191 -3.04 -13.88 3.07
C ALA B 191 -3.98 -13.07 3.98
N PHE B 192 -3.53 -12.61 5.16
CA PHE B 192 -4.47 -12.02 6.15
C PHE B 192 -4.39 -10.51 6.13
N ALA B 193 -5.52 -9.85 6.28
CA ALA B 193 -5.51 -8.41 6.63
C ALA B 193 -6.31 -8.18 7.93
N SER B 194 -6.11 -6.99 8.50
CA SER B 194 -6.81 -6.41 9.66
C SER B 194 -7.32 -5.04 9.20
N PRO B 195 -8.32 -5.01 8.33
CA PRO B 195 -8.67 -3.83 7.58
C PRO B 195 -9.04 -2.60 8.43
N ASN B 196 -9.53 -2.80 9.66
CA ASN B 196 -10.04 -1.70 10.51
C ASN B 196 -9.14 -1.48 11.74
N LEU B 197 -8.03 -2.21 11.88
CA LEU B 197 -7.12 -2.02 13.04
C LEU B 197 -5.70 -2.26 12.56
N PRO B 198 -4.71 -1.41 12.93
CA PRO B 198 -3.31 -1.72 12.63
C PRO B 198 -2.86 -3.04 13.28
N PRO B 199 -1.75 -3.62 12.80
CA PRO B 199 -1.16 -4.80 13.43
C PRO B 199 -0.77 -4.48 14.87
N LEU B 200 -0.67 -5.49 15.72
CA LEU B 200 -0.21 -5.33 17.12
C LEU B 200 1.32 -5.25 17.10
N LEU B 201 1.99 -5.85 16.11
CA LEU B 201 3.46 -6.12 16.10
C LEU B 201 3.88 -6.32 14.64
N GLU B 202 5.03 -5.79 14.27
CA GLU B 202 5.64 -6.09 12.95
C GLU B 202 7.08 -6.58 13.18
N ALA B 203 7.48 -7.59 12.41
CA ALA B 203 8.79 -8.23 12.46
C ALA B 203 9.66 -7.74 11.30
N GLY B 204 10.84 -7.17 11.62
CA GLY B 204 11.89 -6.97 10.63
C GLY B 204 13.24 -7.41 11.19
N ILE B 205 14.28 -6.62 10.99
CA ILE B 205 15.57 -6.87 11.72
C ILE B 205 15.27 -6.96 13.21
N HIS B 206 14.42 -6.05 13.70
CA HIS B 206 13.94 -5.96 15.10
C HIS B 206 12.44 -6.28 15.12
N ILE B 207 11.90 -6.60 16.28
CA ILE B 207 10.43 -6.80 16.43
C ILE B 207 9.88 -5.49 17.00
N ARG B 208 9.07 -4.78 16.22
CA ARG B 208 8.41 -3.50 16.59
C ARG B 208 6.99 -3.77 17.16
N ARG B 209 6.73 -3.36 18.40
CA ARG B 209 5.36 -3.30 18.97
C ARG B 209 4.70 -2.02 18.45
N LEU B 210 3.45 -2.08 18.00
CA LEU B 210 2.76 -0.87 17.48
C LEU B 210 1.94 -0.25 18.61
N ASN B 211 1.46 0.98 18.40
CA ASN B 211 0.80 1.80 19.45
C ASN B 211 -0.62 1.30 19.73
N THR B 212 -1.02 0.13 19.22
CA THR B 212 -2.43 -0.28 19.10
C THR B 212 -3.03 -0.43 20.49
N PRO B 213 -4.18 0.24 20.79
CA PRO B 213 -4.71 0.30 22.15
C PRO B 213 -5.27 -1.04 22.60
N PRO B 214 -5.24 -1.35 23.91
CA PRO B 214 -5.57 -2.69 24.39
C PRO B 214 -7.08 -3.02 24.38
N ALA B 215 -7.37 -4.32 24.27
CA ALA B 215 -8.71 -4.91 24.47
C ALA B 215 -9.08 -4.84 25.95
N PRO B 216 -10.37 -4.99 26.30
CA PRO B 216 -10.78 -5.16 27.69
C PRO B 216 -10.20 -6.45 28.30
N HIS B 217 -9.74 -6.44 29.55
CA HIS B 217 -9.11 -7.63 30.18
C HIS B 217 -9.72 -7.84 31.55
N GLY B 218 -10.22 -9.05 31.81
CA GLY B 218 -10.60 -9.49 33.17
C GLY B 218 -9.38 -9.93 33.98
N GLU B 219 -9.60 -10.62 35.09
CA GLU B 219 -8.51 -10.98 36.03
C GLU B 219 -8.87 -12.28 36.74
N GLY B 220 -7.86 -13.12 36.98
CA GLY B 220 -8.00 -14.42 37.64
C GLY B 220 -7.88 -15.57 36.67
N GLU B 221 -8.44 -16.73 37.00
CA GLU B 221 -8.21 -17.95 36.19
C GLU B 221 -9.01 -17.88 34.90
N LEU B 222 -8.44 -18.49 33.86
CA LEU B 222 -9.06 -18.63 32.52
C LEU B 222 -10.46 -19.22 32.71
N ILE B 223 -11.47 -18.59 32.10
CA ILE B 223 -12.86 -19.09 32.01
C ILE B 223 -13.18 -19.32 30.53
N VAL B 224 -13.63 -20.52 30.18
CA VAL B 224 -14.01 -20.84 28.79
C VAL B 224 -15.54 -20.75 28.72
N HIS B 225 -16.04 -19.81 27.91
CA HIS B 225 -17.47 -19.68 27.60
C HIS B 225 -17.77 -20.68 26.51
N PRO B 226 -18.79 -21.55 26.68
CA PRO B 226 -19.16 -22.50 25.63
C PRO B 226 -19.61 -21.73 24.39
N ILE B 227 -19.23 -22.22 23.20
CA ILE B 227 -19.87 -21.82 21.92
C ILE B 227 -20.47 -23.10 21.34
N THR B 228 -21.78 -23.07 21.13
CA THR B 228 -22.55 -24.16 20.50
C THR B 228 -22.96 -23.75 19.09
N PRO B 229 -23.26 -24.74 18.22
CA PRO B 229 -24.14 -24.55 17.06
C PRO B 229 -25.36 -23.66 17.31
N GLN B 230 -25.51 -22.70 16.41
CA GLN B 230 -26.58 -21.69 16.35
C GLN B 230 -26.90 -21.52 14.88
N PRO B 231 -28.19 -21.59 14.47
CA PRO B 231 -28.57 -21.34 13.09
C PRO B 231 -28.51 -19.84 12.80
N ILE B 232 -27.47 -19.43 12.10
CA ILE B 232 -27.24 -18.02 11.70
C ILE B 232 -27.18 -17.96 10.19
N GLY B 233 -27.99 -17.11 9.59
CA GLY B 233 -27.97 -16.80 8.15
C GLY B 233 -27.04 -15.63 7.85
N VAL B 234 -26.34 -15.69 6.72
CA VAL B 234 -25.41 -14.63 6.23
C VAL B 234 -25.93 -14.17 4.88
N VAL B 235 -26.67 -13.05 4.88
CA VAL B 235 -27.31 -12.43 3.69
C VAL B 235 -26.36 -11.41 3.07
N THR B 236 -26.01 -11.60 1.81
CA THR B 236 -25.36 -10.56 1.01
C THR B 236 -26.46 -9.70 0.39
N ILE B 237 -26.38 -8.39 0.58
CA ILE B 237 -27.29 -7.42 -0.10
C ILE B 237 -26.71 -7.19 -1.49
N TYR B 238 -27.53 -7.30 -2.52
CA TYR B 238 -27.11 -7.09 -3.94
C TYR B 238 -28.36 -6.71 -4.70
N PRO B 239 -28.20 -5.97 -5.82
CA PRO B 239 -29.36 -5.50 -6.58
C PRO B 239 -30.22 -6.70 -7.04
N GLY B 240 -31.53 -6.63 -6.75
CA GLY B 240 -32.50 -7.64 -7.17
C GLY B 240 -32.74 -8.68 -6.09
N ILE B 241 -32.04 -8.64 -4.94
CA ILE B 241 -32.38 -9.51 -3.78
C ILE B 241 -33.85 -9.29 -3.41
N SER B 242 -34.63 -10.35 -3.15
CA SER B 242 -36.10 -10.28 -2.87
C SER B 242 -36.38 -10.32 -1.36
N ALA B 243 -37.59 -9.93 -0.94
CA ALA B 243 -38.12 -10.21 0.42
C ALA B 243 -38.13 -11.74 0.70
N ASP B 244 -38.24 -12.56 -0.35
CA ASP B 244 -38.33 -14.05 -0.27
C ASP B 244 -37.10 -14.63 0.44
N VAL B 245 -35.92 -13.99 0.33
CA VAL B 245 -34.67 -14.44 1.01
C VAL B 245 -34.87 -14.36 2.54
N VAL B 246 -35.34 -13.21 3.05
CA VAL B 246 -35.57 -12.97 4.51
C VAL B 246 -36.75 -13.84 4.99
N ARG B 247 -37.75 -14.04 4.13
CA ARG B 247 -38.86 -15.02 4.39
C ARG B 247 -38.28 -16.44 4.42
N ASN B 248 -37.38 -16.77 3.49
CA ASN B 248 -36.72 -18.10 3.40
C ASN B 248 -36.02 -18.41 4.74
N PHE B 249 -35.15 -17.51 5.21
CA PHE B 249 -34.36 -17.67 6.46
C PHE B 249 -35.26 -17.74 7.70
N LEU B 250 -36.42 -17.09 7.64
CA LEU B 250 -37.43 -17.05 8.74
C LEU B 250 -38.10 -18.43 8.89
N ARG B 251 -37.82 -19.37 7.96
CA ARG B 251 -38.39 -20.75 7.90
C ARG B 251 -37.89 -21.62 9.08
N GLN B 252 -36.59 -21.58 9.42
CA GLN B 252 -36.04 -22.33 10.60
C GLN B 252 -34.60 -21.92 10.91
N PRO B 253 -33.63 -22.14 9.99
CA PRO B 253 -32.22 -21.89 10.31
C PRO B 253 -31.92 -20.39 10.56
N VAL B 254 -32.57 -19.77 11.56
CA VAL B 254 -32.22 -18.39 12.02
C VAL B 254 -32.66 -18.16 13.48
N LYS B 255 -31.68 -18.04 14.36
CA LYS B 255 -31.80 -17.27 15.62
C LYS B 255 -31.17 -15.89 15.41
N ALA B 256 -30.39 -15.76 14.34
CA ALA B 256 -29.68 -14.50 13.99
C ALA B 256 -29.50 -14.44 12.47
N LEU B 257 -29.38 -13.23 11.97
CA LEU B 257 -29.20 -12.91 10.55
C LEU B 257 -28.15 -11.80 10.43
N ILE B 258 -27.10 -12.02 9.64
CA ILE B 258 -26.03 -11.04 9.36
C ILE B 258 -26.35 -10.49 7.97
N LEU B 259 -26.53 -9.16 7.90
CA LEU B 259 -26.69 -8.41 6.64
C LEU B 259 -25.30 -7.84 6.25
N ARG B 260 -24.76 -8.33 5.16
CA ARG B 260 -23.63 -7.67 4.46
C ARG B 260 -24.24 -6.62 3.55
N SER B 261 -24.52 -5.46 4.12
CA SER B 261 -25.12 -4.28 3.43
C SER B 261 -24.08 -3.49 2.64
N TYR B 262 -24.54 -2.51 1.85
CA TYR B 262 -23.64 -1.62 1.07
C TYR B 262 -23.02 -0.55 1.95
N GLY B 263 -21.76 -0.17 1.62
CA GLY B 263 -21.17 1.06 2.13
C GLY B 263 -21.29 1.14 3.64
N VAL B 264 -21.85 2.22 4.18
CA VAL B 264 -21.93 2.41 5.67
C VAL B 264 -23.20 1.77 6.22
N GLY B 265 -23.77 0.79 5.52
CA GLY B 265 -24.81 -0.09 6.07
C GLY B 265 -26.15 0.17 5.42
N ASN B 266 -26.18 0.40 4.11
CA ASN B 266 -27.42 0.71 3.36
C ASN B 266 -27.97 -0.56 2.69
N ALA B 267 -29.29 -0.65 2.57
CA ALA B 267 -30.00 -1.78 1.90
C ALA B 267 -31.16 -1.20 1.11
N PRO B 268 -31.80 -1.93 0.16
CA PRO B 268 -32.94 -1.38 -0.58
C PRO B 268 -34.08 -1.00 0.39
N GLN B 269 -34.81 0.07 0.08
CA GLN B 269 -35.86 0.67 0.95
C GLN B 269 -37.20 -0.07 0.79
N ASN B 270 -37.24 -1.10 -0.05
CA ASN B 270 -38.40 -1.98 -0.37
C ASN B 270 -39.23 -2.27 0.91
N LYS B 271 -40.50 -1.84 0.94
CA LYS B 271 -41.43 -1.99 2.11
C LYS B 271 -41.53 -3.46 2.53
N ALA B 272 -41.60 -4.42 1.58
CA ALA B 272 -41.71 -5.88 1.89
C ALA B 272 -40.44 -6.34 2.62
N PHE B 273 -39.28 -5.89 2.13
CA PHE B 273 -37.95 -6.23 2.68
C PHE B 273 -37.91 -5.80 4.15
N LEU B 274 -38.22 -4.53 4.40
CA LEU B 274 -38.17 -3.86 5.72
C LEU B 274 -39.21 -4.50 6.65
N GLN B 275 -40.34 -4.92 6.10
CA GLN B 275 -41.39 -5.68 6.82
C GLN B 275 -40.83 -7.03 7.27
N GLU B 276 -40.23 -7.83 6.37
CA GLU B 276 -39.68 -9.17 6.70
C GLU B 276 -38.62 -9.02 7.80
N LEU B 277 -37.75 -8.00 7.72
CA LEU B 277 -36.73 -7.73 8.76
C LEU B 277 -37.42 -7.39 10.08
N GLN B 278 -38.41 -6.51 10.05
CA GLN B 278 -39.13 -6.10 11.29
C GLN B 278 -39.79 -7.35 11.87
N GLU B 279 -40.34 -8.20 11.01
CA GLU B 279 -40.99 -9.48 11.37
C GLU B 279 -39.95 -10.37 12.09
N ALA B 280 -38.75 -10.47 11.53
CA ALA B 280 -37.69 -11.33 12.12
C ALA B 280 -37.38 -10.83 13.54
N SER B 281 -37.12 -9.54 13.71
CA SER B 281 -36.76 -8.96 15.03
C SER B 281 -37.94 -9.16 16.02
N ASP B 282 -39.17 -9.07 15.52
CA ASP B 282 -40.43 -9.38 16.25
C ASP B 282 -40.39 -10.82 16.79
N ARG B 283 -39.97 -11.80 15.99
CA ARG B 283 -39.91 -13.24 16.40
C ARG B 283 -38.64 -13.53 17.23
N GLY B 284 -37.87 -12.51 17.62
CA GLY B 284 -36.73 -12.61 18.55
C GLY B 284 -35.44 -12.94 17.82
N ILE B 285 -35.45 -12.86 16.49
CA ILE B 285 -34.23 -13.08 15.67
C ILE B 285 -33.31 -11.86 15.85
N VAL B 286 -32.02 -12.07 16.14
CA VAL B 286 -31.08 -10.93 16.27
C VAL B 286 -30.59 -10.60 14.87
N VAL B 287 -30.92 -9.40 14.39
CA VAL B 287 -30.55 -8.99 13.01
C VAL B 287 -29.45 -7.94 13.15
N VAL B 288 -28.29 -8.22 12.58
CA VAL B 288 -27.06 -7.36 12.68
C VAL B 288 -26.62 -6.85 11.30
N ASN B 289 -26.42 -5.54 11.19
CA ASN B 289 -26.07 -4.84 9.95
C ASN B 289 -24.54 -4.65 9.91
N LEU B 290 -23.86 -5.25 8.93
CA LEU B 290 -22.41 -5.03 8.66
C LEU B 290 -22.22 -4.41 7.28
N THR B 291 -21.00 -3.93 7.02
CA THR B 291 -20.63 -3.60 5.63
C THR B 291 -20.10 -4.84 4.93
N GLN B 292 -20.44 -4.97 3.65
CA GLN B 292 -19.85 -5.94 2.71
C GLN B 292 -18.47 -5.43 2.28
N CYS B 293 -18.14 -4.18 2.54
CA CYS B 293 -16.82 -3.60 2.17
C CYS B 293 -15.71 -4.23 3.02
N MET B 294 -14.53 -4.39 2.45
CA MET B 294 -13.30 -4.81 3.19
C MET B 294 -13.16 -3.94 4.44
N SER B 295 -13.21 -2.62 4.31
CA SER B 295 -13.02 -1.69 5.45
C SER B 295 -14.15 -0.66 5.52
N GLY B 296 -14.27 -0.08 6.71
CA GLY B 296 -15.23 0.97 7.09
C GLY B 296 -16.15 0.51 8.20
N LYS B 297 -17.10 1.37 8.52
CA LYS B 297 -17.91 1.31 9.76
C LYS B 297 -19.37 1.59 9.41
N VAL B 298 -20.24 0.71 9.84
CA VAL B 298 -21.70 0.90 9.66
C VAL B 298 -22.13 2.08 10.51
N ASN B 299 -22.96 2.92 9.92
CA ASN B 299 -23.60 4.11 10.52
C ASN B 299 -25.10 4.09 10.20
N MET B 300 -25.94 3.72 11.17
CA MET B 300 -27.41 3.53 11.01
C MET B 300 -28.14 4.88 10.97
N ALA B 308 -36.39 3.18 8.30
CA ALA B 308 -34.96 2.81 8.30
C ALA B 308 -34.80 1.40 8.88
N LEU B 309 -33.63 0.82 8.68
CA LEU B 309 -33.27 -0.50 9.26
C LEU B 309 -33.33 -0.44 10.79
N ALA B 310 -32.86 0.65 11.41
CA ALA B 310 -32.92 0.89 12.87
C ALA B 310 -34.38 0.77 13.32
N HIS B 311 -35.31 1.36 12.56
CA HIS B 311 -36.76 1.34 12.90
C HIS B 311 -37.31 -0.08 12.69
N ALA B 312 -36.61 -0.94 11.95
CA ALA B 312 -36.99 -2.36 11.72
C ALA B 312 -36.35 -3.31 12.74
N GLY B 313 -35.68 -2.80 13.77
CA GLY B 313 -35.06 -3.60 14.85
C GLY B 313 -33.65 -4.11 14.53
N VAL B 314 -33.08 -3.70 13.40
CA VAL B 314 -31.72 -4.10 12.96
C VAL B 314 -30.71 -3.40 13.89
N ILE B 315 -29.71 -4.14 14.35
CA ILE B 315 -28.59 -3.65 15.22
C ILE B 315 -27.38 -3.34 14.33
N GLY B 316 -26.73 -2.19 14.56
CA GLY B 316 -25.51 -1.79 13.86
C GLY B 316 -24.30 -2.59 14.35
N GLY B 317 -23.53 -3.15 13.42
CA GLY B 317 -22.32 -3.93 13.76
C GLY B 317 -21.06 -3.08 13.70
N ALA B 318 -21.17 -1.76 13.63
CA ALA B 318 -19.99 -0.87 13.62
C ALA B 318 -19.04 -1.36 12.52
N ASP B 319 -17.75 -1.56 12.81
CA ASP B 319 -16.71 -1.96 11.82
C ASP B 319 -16.36 -3.44 12.02
N MET B 320 -17.27 -4.26 12.57
CA MET B 320 -16.93 -5.70 12.74
C MET B 320 -16.85 -6.38 11.37
N THR B 321 -15.90 -7.30 11.25
CA THR B 321 -15.86 -8.34 10.18
C THR B 321 -17.02 -9.31 10.35
N VAL B 322 -17.36 -10.01 9.29
CA VAL B 322 -18.32 -11.16 9.37
C VAL B 322 -17.81 -12.24 10.31
N GLU B 323 -16.48 -12.46 10.31
CA GLU B 323 -15.82 -13.47 11.14
C GLU B 323 -16.08 -13.08 12.60
N ALA B 324 -15.88 -11.80 12.99
CA ALA B 324 -16.09 -11.41 14.41
C ALA B 324 -17.61 -11.51 14.75
N THR B 325 -18.47 -11.05 13.86
CA THR B 325 -19.94 -10.97 14.06
C THR B 325 -20.57 -12.39 14.13
N LEU B 326 -20.18 -13.28 13.23
CA LEU B 326 -20.64 -14.70 13.29
C LEU B 326 -20.24 -15.29 14.65
N THR B 327 -18.96 -15.16 15.04
CA THR B 327 -18.48 -15.82 16.26
C THR B 327 -19.05 -15.17 17.52
N LYS B 328 -19.16 -13.82 17.56
CA LYS B 328 -19.77 -13.04 18.66
C LYS B 328 -21.20 -13.54 18.88
N LEU B 329 -21.94 -13.78 17.80
CA LEU B 329 -23.36 -14.27 17.88
C LEU B 329 -23.37 -15.69 18.45
N HIS B 330 -22.48 -16.60 17.98
CA HIS B 330 -22.32 -17.95 18.56
C HIS B 330 -22.09 -17.81 20.05
N TYR B 331 -21.19 -16.91 20.44
CA TYR B 331 -20.81 -16.73 21.86
C TYR B 331 -22.07 -16.29 22.64
N LEU B 332 -22.69 -15.18 22.25
CA LEU B 332 -23.77 -14.56 23.03
C LEU B 332 -25.00 -15.47 23.05
N LEU B 333 -25.40 -16.07 21.93
CA LEU B 333 -26.59 -16.97 21.85
C LEU B 333 -26.39 -18.20 22.77
N SER B 334 -25.15 -18.63 22.98
CA SER B 334 -24.79 -19.82 23.78
C SER B 334 -24.70 -19.42 25.27
N GLN B 335 -24.78 -18.12 25.58
CA GLN B 335 -24.63 -17.63 26.99
C GLN B 335 -26.02 -17.49 27.62
N GLU B 336 -26.03 -17.21 28.93
CA GLU B 336 -27.25 -17.05 29.77
C GLU B 336 -27.71 -15.59 29.64
N LEU B 337 -28.24 -15.18 28.47
CA LEU B 337 -28.61 -13.77 28.14
C LEU B 337 -29.94 -13.74 27.37
N ASP B 338 -30.79 -12.72 27.56
CA ASP B 338 -32.06 -12.55 26.79
C ASP B 338 -31.80 -11.76 25.49
N THR B 339 -32.78 -11.71 24.59
CA THR B 339 -32.66 -11.17 23.20
C THR B 339 -32.17 -9.71 23.25
N GLU B 340 -32.70 -8.95 24.21
CA GLU B 340 -32.39 -7.50 24.39
C GLU B 340 -30.93 -7.37 24.77
N THR B 341 -30.45 -8.25 25.66
CA THR B 341 -29.09 -8.20 26.22
C THR B 341 -28.10 -8.57 25.12
N ILE B 342 -28.47 -9.54 24.28
CA ILE B 342 -27.62 -9.95 23.12
C ILE B 342 -27.53 -8.79 22.13
N ARG B 343 -28.66 -8.11 21.85
CA ARG B 343 -28.71 -7.03 20.84
C ARG B 343 -27.81 -5.89 21.31
N LYS B 344 -27.89 -5.54 22.61
CA LYS B 344 -27.08 -4.46 23.19
C LYS B 344 -25.60 -4.87 23.15
N ALA B 345 -25.29 -6.13 23.48
CA ALA B 345 -23.92 -6.66 23.57
C ALA B 345 -23.27 -6.64 22.17
N MET B 346 -24.07 -6.83 21.12
CA MET B 346 -23.54 -6.92 19.74
C MET B 346 -22.87 -5.60 19.29
N SER B 347 -23.31 -4.45 19.78
CA SER B 347 -22.76 -3.11 19.39
C SER B 347 -21.72 -2.64 20.41
N GLN B 348 -21.49 -3.43 21.46
CA GLN B 348 -20.50 -3.11 22.52
C GLN B 348 -19.16 -3.76 22.15
N ASN B 349 -18.04 -3.09 22.45
CA ASN B 349 -16.69 -3.65 22.22
C ASN B 349 -16.37 -4.65 23.34
N LEU B 350 -16.50 -5.96 23.10
CA LEU B 350 -16.31 -6.98 24.17
C LEU B 350 -14.84 -7.44 24.30
N ARG B 351 -14.11 -7.50 23.19
CA ARG B 351 -12.79 -8.15 23.09
C ARG B 351 -11.86 -7.41 22.13
N GLY B 352 -12.21 -6.18 21.74
CA GLY B 352 -11.38 -5.40 20.78
C GLY B 352 -11.78 -5.63 19.33
N GLU B 353 -12.98 -6.17 19.07
CA GLU B 353 -13.43 -6.51 17.69
C GLU B 353 -14.13 -5.30 17.05
N LEU B 354 -14.43 -4.27 17.82
CA LEU B 354 -15.33 -3.17 17.41
C LEU B 354 -14.68 -1.83 17.84
N THR B 355 -14.84 -0.76 17.06
CA THR B 355 -14.36 0.60 17.43
C THR B 355 -15.55 1.39 17.95
N PRO B 356 -15.64 1.71 19.25
CA PRO B 356 -16.76 2.48 19.77
C PRO B 356 -16.77 3.92 19.25
N ASP B 357 -17.97 4.51 19.17
CA ASP B 357 -18.25 5.87 18.64
C ASP B 357 -17.54 6.92 19.51
N LYS C 23 -17.43 30.65 15.89
CA LYS C 23 -16.75 30.46 14.55
C LYS C 23 -15.24 30.68 14.69
N LYS C 24 -14.43 29.70 14.30
CA LYS C 24 -12.95 29.82 14.39
C LYS C 24 -12.47 30.81 13.32
N SER C 25 -11.31 31.43 13.55
CA SER C 25 -10.63 32.29 12.56
C SER C 25 -9.23 31.75 12.27
N ILE C 26 -8.96 31.44 11.00
CA ILE C 26 -7.69 30.81 10.54
C ILE C 26 -6.90 31.87 9.75
N TYR C 27 -5.63 32.07 10.09
CA TYR C 27 -4.67 32.88 9.29
C TYR C 27 -4.01 32.00 8.21
N VAL C 28 -3.98 32.50 6.96
CA VAL C 28 -3.38 31.80 5.79
C VAL C 28 -2.17 32.59 5.32
N ALA C 29 -0.96 32.06 5.48
CA ALA C 29 0.26 32.65 4.87
C ALA C 29 0.43 32.04 3.48
N TYR C 30 0.22 32.86 2.45
CA TYR C 30 0.43 32.48 1.03
C TYR C 30 1.84 32.90 0.64
N THR C 31 2.80 31.97 0.77
CA THR C 31 4.25 32.26 0.67
C THR C 31 4.67 32.10 -0.80
N GLY C 32 3.85 31.38 -1.56
CA GLY C 32 4.07 31.12 -2.99
C GLY C 32 3.70 29.70 -3.33
N GLY C 33 4.38 29.17 -4.34
CA GLY C 33 4.25 27.77 -4.75
C GLY C 33 3.37 27.61 -5.98
N THR C 34 3.35 26.38 -6.48
CA THR C 34 2.50 25.89 -7.61
C THR C 34 1.08 26.42 -7.45
N ILE C 35 0.49 26.19 -6.27
CA ILE C 35 -0.96 26.47 -5.97
C ILE C 35 -1.34 27.83 -6.55
N GLY C 36 -0.43 28.81 -6.55
CA GLY C 36 -0.72 30.20 -6.91
C GLY C 36 -0.35 30.58 -8.34
N MET C 37 0.31 29.71 -9.09
CA MET C 37 0.95 30.04 -10.39
C MET C 37 -0.09 29.97 -11.53
N GLN C 54 -9.69 34.42 -6.96
CA GLN C 54 -9.93 33.04 -7.47
C GLN C 54 -10.75 32.25 -6.44
N LEU C 55 -10.35 32.32 -5.16
CA LEU C 55 -11.07 31.74 -3.97
C LEU C 55 -12.48 32.38 -3.86
N ALA C 56 -12.62 33.63 -4.31
CA ALA C 56 -13.88 34.40 -4.29
C ALA C 56 -14.92 33.74 -5.20
N LEU C 57 -14.50 33.26 -6.39
CA LEU C 57 -15.31 32.70 -7.51
C LEU C 57 -15.74 31.26 -7.21
N MET C 58 -15.28 30.69 -6.09
CA MET C 58 -15.58 29.32 -5.62
C MET C 58 -16.45 29.41 -4.36
N PRO C 59 -17.71 28.90 -4.41
CA PRO C 59 -18.69 29.15 -3.35
C PRO C 59 -18.47 28.34 -2.06
N GLU C 60 -17.83 27.17 -2.21
CA GLU C 60 -17.52 26.20 -1.11
C GLU C 60 -16.77 26.92 0.02
N PHE C 61 -15.84 27.81 -0.29
CA PHE C 61 -14.92 28.44 0.70
C PHE C 61 -15.67 29.35 1.69
N HIS C 62 -16.81 29.91 1.24
CA HIS C 62 -17.60 30.92 2.00
C HIS C 62 -18.81 30.23 2.65
N ARG C 63 -18.96 28.91 2.45
CA ARG C 63 -19.99 28.05 3.11
C ARG C 63 -20.06 28.34 4.61
N PRO C 64 -21.23 28.15 5.27
CA PRO C 64 -21.36 28.37 6.71
C PRO C 64 -20.53 27.45 7.60
N GLU C 65 -20.22 26.23 7.15
CA GLU C 65 -19.53 25.19 7.98
C GLU C 65 -18.03 25.50 8.07
N MET C 66 -17.51 26.39 7.21
CA MET C 66 -16.06 26.75 7.13
C MET C 66 -15.71 27.75 8.23
N PRO C 67 -14.46 27.74 8.73
CA PRO C 67 -14.02 28.82 9.60
C PRO C 67 -13.89 30.10 8.76
N ASP C 68 -13.87 31.26 9.41
CA ASP C 68 -13.39 32.51 8.76
C ASP C 68 -11.90 32.33 8.53
N PHE C 69 -11.36 32.90 7.46
CA PHE C 69 -9.90 32.90 7.23
C PHE C 69 -9.52 34.20 6.54
N THR C 70 -8.28 34.62 6.72
CA THR C 70 -7.67 35.76 6.00
C THR C 70 -6.40 35.27 5.33
N ILE C 71 -6.16 35.74 4.11
CA ILE C 71 -4.95 35.42 3.32
C ILE C 71 -4.02 36.64 3.33
N HIS C 72 -2.76 36.41 3.71
CA HIS C 72 -1.64 37.33 3.50
C HIS C 72 -0.83 36.78 2.34
N GLU C 73 -0.83 37.50 1.23
CA GLU C 73 0.07 37.24 0.08
C GLU C 73 1.45 37.83 0.37
N TYR C 74 2.48 36.98 0.39
CA TYR C 74 3.84 37.44 0.70
C TYR C 74 4.33 38.29 -0.47
N THR C 75 5.30 39.15 -0.23
CA THR C 75 6.01 39.91 -1.29
C THR C 75 7.51 39.78 -1.06
N PRO C 76 8.30 39.24 -2.01
CA PRO C 76 7.78 38.58 -3.21
C PRO C 76 7.12 37.21 -2.93
N LEU C 77 6.35 36.67 -3.88
CA LEU C 77 5.92 35.24 -3.87
C LEU C 77 7.10 34.40 -4.33
N MET C 78 7.30 33.21 -3.75
CA MET C 78 8.54 32.45 -4.03
C MET C 78 8.19 31.05 -4.55
N ASP C 79 8.93 30.62 -5.58
CA ASP C 79 9.14 29.20 -5.90
C ASP C 79 9.86 28.56 -4.70
N SER C 80 9.31 27.51 -4.12
CA SER C 80 9.90 26.89 -2.90
C SER C 80 11.28 26.29 -3.24
N SER C 81 11.61 26.08 -4.53
CA SER C 81 12.97 25.65 -4.97
C SER C 81 13.99 26.77 -4.71
N ASP C 82 13.55 28.02 -4.51
CA ASP C 82 14.47 29.19 -4.33
C ASP C 82 14.65 29.55 -2.85
N MET C 83 14.01 28.81 -1.96
CA MET C 83 14.00 29.23 -0.54
C MET C 83 15.37 28.96 0.10
N THR C 84 15.75 29.89 0.97
CA THR C 84 16.93 29.81 1.83
C THR C 84 16.45 29.58 3.25
N PRO C 85 17.35 29.20 4.17
CA PRO C 85 16.95 29.09 5.57
C PRO C 85 16.41 30.41 6.15
N GLU C 86 16.80 31.59 5.64
CA GLU C 86 16.24 32.88 6.18
C GLU C 86 14.75 32.96 5.88
N ASP C 87 14.28 32.37 4.79
CA ASP C 87 12.85 32.30 4.44
C ASP C 87 12.10 31.53 5.56
N TRP C 88 12.71 30.51 6.20
CA TRP C 88 12.08 29.82 7.36
C TRP C 88 11.84 30.82 8.48
N GLN C 89 12.83 31.68 8.70
CA GLN C 89 12.78 32.72 9.73
C GLN C 89 11.61 33.67 9.43
N HIS C 90 11.47 34.18 8.19
CA HIS C 90 10.40 35.15 7.81
C HIS C 90 9.06 34.53 8.15
N ILE C 91 8.88 33.24 7.84
CA ILE C 91 7.58 32.56 8.09
C ILE C 91 7.37 32.42 9.59
N ALA C 92 8.38 32.02 10.35
CA ALA C 92 8.24 31.78 11.82
C ALA C 92 7.79 33.10 12.48
N GLU C 93 8.48 34.20 12.14
CA GLU C 93 8.18 35.57 12.64
C GLU C 93 6.78 36.04 12.21
N ASP C 94 6.30 35.69 11.02
CA ASP C 94 4.94 35.98 10.49
C ASP C 94 3.90 35.23 11.33
N ILE C 95 4.18 33.97 11.68
CA ILE C 95 3.27 33.24 12.59
C ILE C 95 3.29 33.92 13.97
N LYS C 96 4.47 34.39 14.40
CA LYS C 96 4.65 35.00 15.73
C LYS C 96 3.76 36.27 15.77
N ALA C 97 3.89 37.15 14.78
CA ALA C 97 3.09 38.41 14.70
C ALA C 97 1.59 38.11 14.86
N HIS C 98 1.10 37.06 14.18
CA HIS C 98 -0.35 36.71 14.05
C HIS C 98 -0.88 35.75 15.12
N TYR C 99 -0.03 35.28 16.04
CA TYR C 99 -0.32 34.09 16.90
C TYR C 99 -1.59 34.32 17.73
N ASP C 100 -1.61 35.45 18.44
CA ASP C 100 -2.67 35.78 19.43
C ASP C 100 -4.06 35.93 18.78
N ASP C 101 -4.16 36.26 17.49
CA ASP C 101 -5.42 36.77 16.90
C ASP C 101 -6.09 35.73 16.00
N TYR C 102 -5.56 34.51 15.93
CA TYR C 102 -6.12 33.41 15.11
C TYR C 102 -6.12 32.12 15.91
N ASP C 103 -7.04 31.23 15.60
CA ASP C 103 -7.21 29.93 16.30
C ASP C 103 -6.27 28.89 15.67
N GLY C 104 -5.70 29.20 14.52
CA GLY C 104 -4.75 28.30 13.81
C GLY C 104 -4.19 28.93 12.56
N PHE C 105 -3.25 28.25 11.93
CA PHE C 105 -2.39 28.85 10.89
C PHE C 105 -2.26 27.84 9.76
N VAL C 106 -2.52 28.28 8.53
CA VAL C 106 -2.24 27.50 7.29
C VAL C 106 -1.14 28.20 6.51
N ILE C 107 -0.10 27.46 6.15
CA ILE C 107 1.06 27.97 5.38
C ILE C 107 0.95 27.39 3.96
N LEU C 108 0.63 28.25 2.99
CA LEU C 108 0.59 27.84 1.56
C LEU C 108 1.99 27.99 1.00
N HIS C 109 2.44 26.90 0.36
CA HIS C 109 3.86 26.66 0.07
C HIS C 109 4.01 25.73 -1.14
N GLY C 110 5.05 25.99 -1.92
CA GLY C 110 5.61 25.10 -2.96
C GLY C 110 5.89 23.74 -2.38
N THR C 111 5.67 22.69 -3.16
CA THR C 111 5.89 21.32 -2.69
C THR C 111 7.38 20.99 -2.67
N ASP C 112 8.23 21.57 -3.54
CA ASP C 112 9.65 21.18 -3.68
C ASP C 112 10.35 21.18 -2.32
N THR C 113 10.15 22.20 -1.47
CA THR C 113 10.84 22.28 -0.15
C THR C 113 9.83 22.36 1.00
N MET C 114 8.59 21.94 0.79
CA MET C 114 7.55 22.04 1.84
C MET C 114 8.02 21.35 3.12
N ALA C 115 8.58 20.13 3.01
CA ALA C 115 9.05 19.32 4.16
C ALA C 115 10.19 19.98 4.91
N TYR C 116 11.09 20.70 4.23
CA TYR C 116 12.15 21.48 4.91
C TYR C 116 11.51 22.59 5.74
N THR C 117 10.61 23.40 5.14
CA THR C 117 9.92 24.48 5.89
C THR C 117 9.17 23.89 7.10
N ALA C 118 8.34 22.86 6.91
CA ALA C 118 7.58 22.23 8.02
C ALA C 118 8.55 21.83 9.14
N SER C 119 9.61 21.12 8.77
CA SER C 119 10.66 20.61 9.69
C SER C 119 11.23 21.79 10.45
N ALA C 120 11.61 22.88 9.76
CA ALA C 120 12.26 24.05 10.38
C ALA C 120 11.33 24.71 11.42
N LEU C 121 10.10 25.02 11.00
CA LEU C 121 9.08 25.63 11.89
C LEU C 121 8.91 24.78 13.15
N SER C 122 8.98 23.45 13.05
CA SER C 122 8.77 22.58 14.22
C SER C 122 9.82 22.90 15.30
N PHE C 123 11.06 23.12 14.92
CA PHE C 123 12.15 23.45 15.89
C PHE C 123 12.01 24.91 16.34
N MET C 124 11.75 25.81 15.39
CA MET C 124 11.75 27.27 15.67
C MET C 124 10.56 27.66 16.55
N LEU C 125 9.48 26.89 16.51
CA LEU C 125 8.31 27.11 17.39
C LEU C 125 8.46 26.16 18.58
N GLU C 126 8.34 26.71 19.78
CA GLU C 126 8.42 25.95 21.05
C GLU C 126 7.22 26.34 21.88
N ASN C 127 6.66 25.34 22.56
CA ASN C 127 5.38 25.45 23.32
C ASN C 127 4.24 25.87 22.38
N LEU C 128 4.20 25.35 21.14
CA LEU C 128 3.11 25.67 20.19
C LEU C 128 1.76 25.26 20.79
N GLY C 129 0.82 26.20 20.90
CA GLY C 129 -0.49 25.99 21.54
C GLY C 129 -1.66 26.01 20.57
N LYS C 130 -1.38 26.13 19.26
CA LYS C 130 -2.35 26.21 18.15
C LYS C 130 -1.76 25.42 16.98
N PRO C 131 -2.59 24.83 16.10
CA PRO C 131 -2.10 24.15 14.90
C PRO C 131 -1.50 25.08 13.85
N VAL C 132 -0.41 24.58 13.25
CA VAL C 132 0.23 25.22 12.10
C VAL C 132 0.27 24.12 11.06
N ILE C 133 -0.43 24.31 9.95
CA ILE C 133 -0.57 23.29 8.88
C ILE C 133 0.04 23.87 7.59
N VAL C 134 1.09 23.23 7.09
CA VAL C 134 1.71 23.58 5.77
C VAL C 134 1.00 22.72 4.72
N THR C 135 0.61 23.32 3.61
CA THR C 135 0.01 22.59 2.45
C THR C 135 0.32 23.37 1.20
N GLY C 136 -0.22 22.89 0.10
CA GLY C 136 0.10 23.36 -1.25
C GLY C 136 -0.60 22.50 -2.25
N SER C 137 -0.07 22.49 -3.46
CA SER C 137 -0.67 21.79 -4.61
C SER C 137 0.43 21.25 -5.52
N GLN C 138 0.19 20.09 -6.15
CA GLN C 138 1.09 19.56 -7.19
C GLN C 138 0.73 20.20 -8.54
N ILE C 139 -0.54 20.56 -8.74
CA ILE C 139 -1.00 21.38 -9.89
C ILE C 139 -1.47 22.76 -9.42
N PRO C 140 -1.02 23.86 -10.07
CA PRO C 140 -1.53 25.21 -9.76
C PRO C 140 -3.06 25.31 -9.74
N LEU C 141 -3.63 26.08 -8.79
CA LEU C 141 -5.09 26.38 -8.74
C LEU C 141 -5.58 26.88 -10.10
N ALA C 142 -4.74 27.60 -10.85
CA ALA C 142 -5.03 28.15 -12.19
C ALA C 142 -5.12 27.03 -13.25
N GLU C 143 -4.39 25.93 -13.09
CA GLU C 143 -4.39 24.81 -14.06
C GLU C 143 -5.58 23.90 -13.73
N LEU C 144 -6.05 23.16 -14.73
CA LEU C 144 -7.10 22.11 -14.66
C LEU C 144 -6.66 20.95 -13.75
N ARG C 145 -7.63 20.31 -13.05
CA ARG C 145 -7.44 19.17 -12.12
C ARG C 145 -6.56 19.58 -10.91
N SER C 146 -6.44 20.87 -10.62
CA SER C 146 -5.63 21.33 -9.45
C SER C 146 -6.14 20.64 -8.19
N ASP C 147 -5.20 20.29 -7.34
CA ASP C 147 -5.44 19.74 -5.97
C ASP C 147 -5.42 20.89 -4.96
N GLY C 148 -5.23 22.15 -5.38
CA GLY C 148 -4.89 23.26 -4.47
C GLY C 148 -6.09 23.65 -3.63
N GLN C 149 -7.26 23.75 -4.28
CA GLN C 149 -8.56 24.11 -3.65
C GLN C 149 -8.82 23.14 -2.50
N ILE C 150 -8.71 21.83 -2.78
CA ILE C 150 -9.13 20.74 -1.85
C ILE C 150 -8.11 20.62 -0.72
N ASN C 151 -6.80 20.85 -0.97
CA ASN C 151 -5.80 20.76 0.13
C ASN C 151 -6.00 21.96 1.07
N LEU C 152 -6.22 23.17 0.53
CA LEU C 152 -6.47 24.39 1.35
C LEU C 152 -7.75 24.24 2.17
N LEU C 153 -8.84 23.85 1.55
CA LEU C 153 -10.15 23.74 2.25
C LEU C 153 -10.00 22.77 3.43
N ASN C 154 -9.39 21.60 3.18
CA ASN C 154 -9.08 20.55 4.18
C ASN C 154 -8.20 21.11 5.30
N ALA C 155 -7.16 21.84 4.96
CA ALA C 155 -6.22 22.40 5.96
C ALA C 155 -6.98 23.39 6.86
N LEU C 156 -7.77 24.29 6.25
CA LEU C 156 -8.65 25.26 6.97
C LEU C 156 -9.62 24.52 7.90
N TYR C 157 -10.36 23.56 7.36
CA TYR C 157 -11.38 22.79 8.13
C TYR C 157 -10.72 22.03 9.28
N VAL C 158 -9.59 21.39 9.01
CA VAL C 158 -8.87 20.54 10.03
C VAL C 158 -8.28 21.47 11.10
N ALA C 159 -7.68 22.58 10.69
CA ALA C 159 -7.07 23.52 11.64
C ALA C 159 -8.15 23.95 12.65
N ALA C 160 -9.38 24.18 12.16
CA ALA C 160 -10.50 24.73 12.96
C ALA C 160 -11.06 23.64 13.89
N ASN C 161 -11.29 22.43 13.34
CA ASN C 161 -12.21 21.41 13.90
C ASN C 161 -11.44 20.25 14.53
N TYR C 162 -10.23 19.94 14.04
CA TYR C 162 -9.38 18.86 14.59
C TYR C 162 -8.00 19.43 14.86
N PRO C 163 -7.92 20.45 15.74
CA PRO C 163 -6.63 21.09 16.05
C PRO C 163 -5.63 20.16 16.75
N ILE C 164 -4.41 20.14 16.23
CA ILE C 164 -3.27 19.39 16.81
C ILE C 164 -2.14 20.41 16.94
N ASN C 165 -1.64 20.63 18.15
CA ASN C 165 -0.71 21.76 18.45
C ASN C 165 0.72 21.32 18.10
N GLU C 166 0.98 21.12 16.80
CA GLU C 166 2.25 20.70 16.17
C GLU C 166 2.35 21.40 14.81
N VAL C 167 3.56 21.60 14.30
CA VAL C 167 3.72 21.92 12.87
C VAL C 167 3.41 20.65 12.09
N THR C 168 2.36 20.68 11.29
CA THR C 168 1.90 19.52 10.51
C THR C 168 1.99 19.89 9.03
N LEU C 169 1.93 18.87 8.16
CA LEU C 169 1.82 19.00 6.69
C LEU C 169 0.56 18.26 6.24
N PHE C 170 -0.42 18.96 5.66
CA PHE C 170 -1.65 18.32 5.13
C PHE C 170 -1.43 18.10 3.61
N PHE C 171 -1.61 16.85 3.14
CA PHE C 171 -1.59 16.59 1.68
C PHE C 171 -2.42 15.34 1.34
N ASN C 172 -3.23 15.41 0.30
CA ASN C 172 -3.99 14.25 -0.24
C ASN C 172 -4.66 13.51 0.93
N ASN C 173 -5.43 14.23 1.75
CA ASN C 173 -6.39 13.66 2.74
C ASN C 173 -5.68 13.07 3.97
N ARG C 174 -4.42 13.42 4.20
CA ARG C 174 -3.65 12.99 5.37
C ARG C 174 -2.92 14.21 5.94
N LEU C 175 -2.89 14.28 7.27
CA LEU C 175 -2.10 15.19 8.10
C LEU C 175 -0.92 14.42 8.66
N TYR C 176 0.25 14.93 8.45
CA TYR C 176 1.54 14.30 8.84
C TYR C 176 2.23 15.20 9.85
N ARG C 177 3.05 14.63 10.73
CA ARG C 177 3.99 15.44 11.56
C ARG C 177 5.00 16.09 10.61
N GLY C 178 5.12 17.43 10.63
CA GLY C 178 5.93 18.18 9.67
C GLY C 178 7.38 17.69 9.63
N ASN C 179 7.95 17.39 10.78
CA ASN C 179 9.39 17.05 10.89
C ASN C 179 9.63 15.56 10.64
N ARG C 180 8.60 14.86 10.11
CA ARG C 180 8.74 13.45 9.71
C ARG C 180 8.52 13.27 8.20
N THR C 181 8.33 14.40 7.49
CA THR C 181 7.85 14.39 6.08
C THR C 181 9.03 14.43 5.11
N THR C 182 8.76 13.95 3.92
CA THR C 182 9.58 14.15 2.71
C THR C 182 8.64 14.17 1.51
N LYS C 183 9.01 14.96 0.49
CA LYS C 183 8.41 14.83 -0.87
C LYS C 183 8.95 13.53 -1.47
N ALA C 184 8.11 12.49 -1.51
CA ALA C 184 8.51 11.14 -1.95
C ALA C 184 8.15 10.89 -3.41
N HIS C 185 7.13 11.57 -3.91
CA HIS C 185 6.46 11.25 -5.20
C HIS C 185 6.32 12.56 -5.99
N ALA C 186 7.33 12.89 -6.77
CA ALA C 186 7.47 14.14 -7.55
C ALA C 186 6.23 14.38 -8.46
N ASP C 187 5.62 13.32 -9.02
CA ASP C 187 4.55 13.44 -10.02
C ASP C 187 3.17 13.10 -9.46
N GLY C 188 3.06 12.60 -8.22
CA GLY C 188 1.82 12.07 -7.64
C GLY C 188 1.08 13.14 -6.85
N PHE C 189 -0.25 13.03 -6.77
CA PHE C 189 -1.03 13.86 -5.81
C PHE C 189 -0.69 13.51 -4.36
N ASP C 190 -0.39 12.25 -4.06
CA ASP C 190 0.14 11.76 -2.77
C ASP C 190 1.64 12.10 -2.69
N ALA C 191 2.00 13.36 -2.90
CA ALA C 191 3.40 13.83 -3.07
C ALA C 191 4.27 13.54 -1.82
N PHE C 192 3.67 13.59 -0.63
CA PHE C 192 4.41 13.57 0.65
C PHE C 192 4.23 12.21 1.35
N ALA C 193 5.31 11.74 1.97
CA ALA C 193 5.27 10.56 2.86
C ALA C 193 5.87 10.94 4.23
N SER C 194 5.54 10.09 5.19
CA SER C 194 6.00 10.13 6.58
C SER C 194 6.56 8.73 6.89
N PRO C 195 7.76 8.43 6.36
CA PRO C 195 8.24 7.04 6.25
C PRO C 195 8.37 6.29 7.58
N ASN C 196 8.72 6.99 8.68
CA ASN C 196 9.00 6.39 10.01
C ASN C 196 7.86 6.67 11.01
N LEU C 197 6.76 7.31 10.59
CA LEU C 197 5.64 7.68 11.49
C LEU C 197 4.32 7.63 10.75
N PRO C 198 3.31 6.92 11.27
CA PRO C 198 1.98 7.02 10.70
C PRO C 198 1.48 8.47 10.66
N PRO C 199 0.50 8.79 9.79
CA PRO C 199 -0.16 10.09 9.85
C PRO C 199 -0.80 10.33 11.22
N LEU C 200 -1.04 11.58 11.54
CA LEU C 200 -1.72 12.01 12.78
C LEU C 200 -3.23 11.93 12.57
N LEU C 201 -3.68 12.15 11.32
CA LEU C 201 -5.12 12.31 11.00
C LEU C 201 -5.37 11.90 9.54
N GLU C 202 -6.52 11.27 9.28
CA GLU C 202 -6.94 10.85 7.93
C GLU C 202 -8.36 11.36 7.67
N ALA C 203 -8.60 11.81 6.46
CA ALA C 203 -9.89 12.37 6.02
C ALA C 203 -10.55 11.43 5.01
N GLY C 204 -11.75 10.95 5.36
CA GLY C 204 -12.70 10.34 4.42
C GLY C 204 -14.06 10.99 4.56
N ILE C 205 -15.13 10.20 4.52
CA ILE C 205 -16.48 10.68 4.93
C ILE C 205 -16.36 11.39 6.28
N HIS C 206 -15.60 10.85 7.22
CA HIS C 206 -15.25 11.54 8.48
C HIS C 206 -13.75 11.80 8.54
N ILE C 207 -13.37 12.64 9.50
CA ILE C 207 -11.95 12.94 9.85
C ILE C 207 -11.68 12.15 11.11
N ARG C 208 -10.64 11.33 11.09
CA ARG C 208 -10.21 10.53 12.27
C ARG C 208 -8.80 10.95 12.65
N ARG C 209 -8.62 11.42 13.90
CA ARG C 209 -7.31 11.44 14.59
C ARG C 209 -6.87 9.99 14.73
N LEU C 210 -5.63 9.67 14.35
CA LEU C 210 -5.09 8.29 14.50
C LEU C 210 -4.45 8.19 15.89
N ASN C 211 -4.11 6.98 16.32
CA ASN C 211 -3.48 6.73 17.64
C ASN C 211 -1.95 6.88 17.53
N THR C 212 -1.45 7.91 16.85
CA THR C 212 0.00 8.14 16.68
C THR C 212 0.55 8.72 17.98
N PRO C 213 1.68 8.21 18.51
CA PRO C 213 2.24 8.76 19.76
C PRO C 213 2.49 10.26 19.68
N PRO C 214 1.96 11.08 20.61
CA PRO C 214 2.22 12.53 20.59
C PRO C 214 3.70 12.91 20.70
N ALA C 215 4.07 14.06 20.13
CA ALA C 215 5.43 14.66 20.21
C ALA C 215 5.65 15.15 21.63
N PRO C 216 6.91 15.24 22.11
CA PRO C 216 7.20 15.95 23.35
C PRO C 216 6.69 17.36 23.08
N HIS C 217 5.92 17.91 24.01
CA HIS C 217 5.10 19.13 23.82
C HIS C 217 5.20 20.00 25.07
N GLY C 218 5.82 21.18 24.91
CA GLY C 218 5.93 22.17 25.97
C GLY C 218 4.63 22.93 26.16
N GLU C 219 4.26 23.17 27.41
CA GLU C 219 3.16 24.09 27.77
C GLU C 219 3.78 25.38 28.29
N GLY C 220 3.19 26.51 27.95
CA GLY C 220 3.77 27.82 28.29
C GLY C 220 3.60 28.81 27.18
N GLU C 221 4.25 29.95 27.33
CA GLU C 221 4.27 31.03 26.32
C GLU C 221 4.91 30.46 25.06
N LEU C 222 4.33 30.72 23.87
CA LEU C 222 5.03 30.46 22.59
C LEU C 222 6.43 31.07 22.64
N ILE C 223 7.45 30.28 22.31
CA ILE C 223 8.84 30.80 22.14
C ILE C 223 9.14 30.63 20.67
N VAL C 224 9.64 31.66 20.02
CA VAL C 224 10.00 31.64 18.58
C VAL C 224 11.51 31.89 18.51
N HIS C 225 12.26 30.87 18.11
CA HIS C 225 13.74 30.87 18.04
C HIS C 225 14.18 31.39 16.68
N PRO C 226 14.85 32.56 16.63
CA PRO C 226 15.44 33.05 15.40
C PRO C 226 16.59 32.12 14.97
N ILE C 227 16.94 32.11 13.70
CA ILE C 227 18.15 31.41 13.19
C ILE C 227 18.96 32.43 12.39
N THR C 228 20.22 32.08 12.12
CA THR C 228 21.19 32.85 11.30
C THR C 228 21.98 31.89 10.41
N PRO C 229 22.53 32.35 9.27
CA PRO C 229 23.03 31.41 8.27
C PRO C 229 24.09 30.48 8.88
N GLN C 230 24.05 29.22 8.44
CA GLN C 230 24.97 28.14 8.88
C GLN C 230 25.34 27.33 7.66
N PRO C 231 26.64 27.26 7.33
CA PRO C 231 27.11 26.40 6.24
C PRO C 231 27.12 24.94 6.71
N ILE C 232 26.34 24.13 6.01
CA ILE C 232 26.19 22.67 6.29
C ILE C 232 26.31 21.92 4.97
N GLY C 233 27.11 20.85 4.95
CA GLY C 233 27.28 19.98 3.78
C GLY C 233 26.45 18.73 3.92
N VAL C 234 26.01 18.20 2.79
CA VAL C 234 25.25 16.92 2.74
C VAL C 234 26.05 15.98 1.86
N VAL C 235 26.60 14.92 2.43
CA VAL C 235 27.43 13.90 1.73
C VAL C 235 26.59 12.63 1.59
N THR C 236 26.46 12.14 0.37
CA THR C 236 25.78 10.85 0.09
C THR C 236 26.87 9.78 0.03
N ILE C 237 26.69 8.69 0.76
CA ILE C 237 27.68 7.58 0.68
C ILE C 237 27.30 6.73 -0.53
N TYR C 238 28.28 6.41 -1.37
CA TYR C 238 28.11 5.57 -2.58
C TYR C 238 29.43 4.89 -2.93
N PRO C 239 29.38 3.75 -3.66
CA PRO C 239 30.61 3.05 -4.03
C PRO C 239 31.58 3.96 -4.82
N GLY C 240 32.82 4.05 -4.35
CA GLY C 240 33.90 4.84 -4.98
C GLY C 240 33.91 6.30 -4.53
N ILE C 241 33.28 6.61 -3.38
CA ILE C 241 33.38 7.96 -2.75
C ILE C 241 34.81 8.09 -2.20
N SER C 242 35.43 9.28 -2.30
CA SER C 242 36.85 9.55 -1.93
C SER C 242 36.94 10.35 -0.63
N ALA C 243 38.07 10.22 0.09
CA ALA C 243 38.47 11.11 1.20
C ALA C 243 38.34 12.59 0.80
N ASP C 244 38.62 12.92 -0.47
CA ASP C 244 38.68 14.31 -1.00
C ASP C 244 37.40 15.09 -0.66
N VAL C 245 36.24 14.44 -0.76
CA VAL C 245 34.90 15.07 -0.51
C VAL C 245 34.89 15.62 0.92
N VAL C 246 35.23 14.80 1.91
CA VAL C 246 35.21 15.23 3.34
C VAL C 246 36.29 16.32 3.49
N ARG C 247 37.46 16.11 2.88
CA ARG C 247 38.58 17.09 2.89
C ARG C 247 38.06 18.44 2.37
N ASN C 248 37.29 18.43 1.28
CA ASN C 248 36.81 19.67 0.59
C ASN C 248 36.02 20.53 1.59
N PHE C 249 35.01 19.94 2.26
CA PHE C 249 34.12 20.66 3.20
C PHE C 249 34.90 21.25 4.38
N LEU C 250 35.85 20.48 4.92
CA LEU C 250 36.74 20.91 6.03
C LEU C 250 37.44 22.23 5.70
N ARG C 251 37.79 22.45 4.42
CA ARG C 251 38.56 23.60 3.86
C ARG C 251 38.54 24.82 4.81
N GLN C 252 37.63 25.76 4.57
CA GLN C 252 37.25 26.84 5.54
C GLN C 252 35.76 26.76 5.92
N PRO C 253 34.82 26.49 4.97
CA PRO C 253 33.44 26.95 5.14
C PRO C 253 32.32 25.96 5.53
N VAL C 254 32.43 25.21 6.65
CA VAL C 254 31.33 24.28 7.09
C VAL C 254 31.38 24.00 8.60
N LYS C 255 30.21 24.08 9.25
CA LYS C 255 30.00 23.91 10.71
C LYS C 255 29.37 22.53 10.98
N ALA C 256 28.87 21.86 9.96
CA ALA C 256 28.28 20.53 10.18
C ALA C 256 28.19 19.79 8.86
N LEU C 257 28.21 18.45 8.96
CA LEU C 257 28.24 17.49 7.86
C LEU C 257 27.15 16.45 8.13
N ILE C 258 26.24 16.29 7.19
CA ILE C 258 25.21 15.21 7.23
C ILE C 258 25.71 14.11 6.30
N LEU C 259 25.80 12.87 6.80
CA LEU C 259 26.18 11.71 5.97
C LEU C 259 24.92 10.93 5.63
N ARG C 260 24.65 10.71 4.36
CA ARG C 260 23.55 9.80 3.95
C ARG C 260 24.21 8.45 3.71
N SER C 261 24.28 7.61 4.73
N SER C 261 24.29 7.61 4.74
CA SER C 261 25.03 6.32 4.73
C SER C 261 24.08 5.17 4.39
C SER C 261 24.08 5.18 4.35
N TYR C 262 24.63 3.98 4.10
CA TYR C 262 23.84 2.78 3.77
C TYR C 262 23.06 2.22 4.97
N GLY C 263 21.92 1.63 4.65
CA GLY C 263 21.20 0.80 5.62
C GLY C 263 21.09 1.51 6.96
N VAL C 264 21.50 0.83 8.03
CA VAL C 264 21.41 1.29 9.44
C VAL C 264 22.65 2.12 9.78
N GLY C 265 23.40 2.58 8.78
CA GLY C 265 24.35 3.68 9.00
C GLY C 265 25.79 3.28 8.70
N ASN C 266 25.99 2.43 7.70
CA ASN C 266 27.32 1.90 7.29
C ASN C 266 27.94 2.73 6.17
N ALA C 267 29.25 2.92 6.25
CA ALA C 267 30.06 3.51 5.17
C ALA C 267 31.25 2.57 4.92
N PRO C 268 31.91 2.66 3.74
CA PRO C 268 33.12 1.88 3.48
C PRO C 268 34.19 2.24 4.53
N GLN C 269 35.04 1.28 4.91
CA GLN C 269 35.92 1.44 6.11
C GLN C 269 37.29 2.05 5.71
N ASN C 270 37.43 2.50 4.46
CA ASN C 270 38.55 3.32 3.92
C ASN C 270 39.14 4.22 5.03
N LYS C 271 40.44 4.07 5.34
CA LYS C 271 41.11 4.68 6.52
C LYS C 271 41.31 6.20 6.34
N ALA C 272 41.59 6.64 5.11
CA ALA C 272 41.66 8.07 4.70
C ALA C 272 40.32 8.76 5.01
N PHE C 273 39.22 8.17 4.54
CA PHE C 273 37.83 8.64 4.77
C PHE C 273 37.62 8.85 6.27
N LEU C 274 37.78 7.78 7.06
CA LEU C 274 37.54 7.81 8.52
C LEU C 274 38.36 8.93 9.15
N GLN C 275 39.67 8.99 8.86
CA GLN C 275 40.57 10.03 9.42
C GLN C 275 40.08 11.43 9.04
N GLU C 276 39.70 11.66 7.79
CA GLU C 276 39.06 12.95 7.38
C GLU C 276 37.89 13.25 8.32
N LEU C 277 37.00 12.28 8.58
CA LEU C 277 35.81 12.50 9.44
C LEU C 277 36.26 12.84 10.86
N GLN C 278 37.28 12.15 11.38
CA GLN C 278 37.84 12.43 12.73
C GLN C 278 38.43 13.85 12.73
N GLU C 279 39.07 14.24 11.63
CA GLU C 279 39.68 15.58 11.48
C GLU C 279 38.55 16.63 11.43
N ALA C 280 37.40 16.28 10.86
CA ALA C 280 36.20 17.15 10.89
C ALA C 280 35.82 17.37 12.36
N SER C 281 35.46 16.32 13.09
CA SER C 281 34.97 16.47 14.48
C SER C 281 36.05 17.11 15.37
N ASP C 282 37.33 16.84 15.13
CA ASP C 282 38.42 17.46 15.93
C ASP C 282 38.36 19.00 15.79
N ARG C 283 37.95 19.51 14.64
CA ARG C 283 37.84 20.97 14.41
C ARG C 283 36.44 21.48 14.78
N GLY C 284 35.64 20.69 15.51
CA GLY C 284 34.37 21.12 16.14
C GLY C 284 33.21 21.04 15.15
N ILE C 285 33.42 20.36 14.03
CA ILE C 285 32.34 20.21 13.01
C ILE C 285 31.39 19.10 13.50
N VAL C 286 30.08 19.38 13.50
CA VAL C 286 29.06 18.41 13.98
C VAL C 286 28.76 17.44 12.83
N VAL C 287 29.21 16.18 12.92
CA VAL C 287 29.05 15.15 11.85
C VAL C 287 27.94 14.16 12.26
N VAL C 288 26.87 14.06 11.47
CA VAL C 288 25.64 13.31 11.86
C VAL C 288 25.39 12.25 10.80
N ASN C 289 25.17 11.02 11.25
CA ASN C 289 25.02 9.83 10.37
C ASN C 289 23.52 9.57 10.20
N LEU C 290 23.02 9.66 8.97
CA LEU C 290 21.61 9.33 8.64
C LEU C 290 21.60 8.14 7.72
N THR C 291 20.42 7.53 7.54
CA THR C 291 20.23 6.50 6.52
C THR C 291 19.78 7.19 5.24
N GLN C 292 20.43 6.86 4.12
CA GLN C 292 19.99 7.28 2.76
C GLN C 292 18.65 6.60 2.45
N CYS C 293 18.28 5.53 3.15
CA CYS C 293 17.03 4.75 2.91
C CYS C 293 15.80 5.61 3.24
N MET C 294 14.71 5.45 2.49
CA MET C 294 13.43 6.14 2.72
C MET C 294 12.95 5.94 4.17
N SER C 295 12.98 4.70 4.68
CA SER C 295 12.60 4.42 6.09
C SER C 295 13.73 3.70 6.81
N GLY C 296 13.72 3.75 8.15
CA GLY C 296 14.61 2.99 9.05
C GLY C 296 15.44 3.86 9.97
N LYS C 297 16.23 3.20 10.79
CA LYS C 297 16.92 3.80 11.95
C LYS C 297 18.41 3.47 11.88
N VAL C 298 19.23 4.49 11.92
CA VAL C 298 20.69 4.30 12.11
C VAL C 298 20.93 3.66 13.47
N ASN C 299 21.73 2.60 13.49
CA ASN C 299 22.16 1.87 14.71
C ASN C 299 23.60 1.38 14.49
N MET C 300 24.58 2.23 14.80
CA MET C 300 26.02 1.94 14.55
C MET C 300 26.56 0.98 15.62
N ALA C 308 35.34 2.70 14.28
CA ALA C 308 34.01 2.89 13.64
C ALA C 308 33.81 4.39 13.40
N LEU C 309 32.74 4.73 12.68
CA LEU C 309 32.28 6.13 12.53
C LEU C 309 32.19 6.75 13.93
N ALA C 310 31.62 6.02 14.90
CA ALA C 310 31.41 6.48 16.29
C ALA C 310 32.75 6.84 16.94
N HIS C 311 33.78 6.06 16.64
CA HIS C 311 35.20 6.29 17.03
C HIS C 311 35.69 7.59 16.40
N ALA C 312 35.24 7.91 15.18
CA ALA C 312 35.67 9.08 14.38
C ALA C 312 34.86 10.33 14.75
N GLY C 313 34.07 10.28 15.83
CA GLY C 313 33.35 11.44 16.39
C GLY C 313 31.94 11.58 15.82
N VAL C 314 31.53 10.69 14.92
CA VAL C 314 30.21 10.80 14.21
C VAL C 314 29.08 10.47 15.20
N ILE C 315 27.99 11.23 15.10
CA ILE C 315 26.78 11.15 15.96
C ILE C 315 25.68 10.49 15.14
N GLY C 316 25.00 9.50 15.70
CA GLY C 316 23.85 8.86 15.03
C GLY C 316 22.62 9.75 15.04
N GLY C 317 21.94 9.92 13.91
CA GLY C 317 20.67 10.64 13.75
C GLY C 317 19.45 9.74 13.84
N ALA C 318 19.54 8.53 14.39
CA ALA C 318 18.38 7.62 14.56
C ALA C 318 17.60 7.57 13.23
N ASP C 319 16.30 7.86 13.23
CA ASP C 319 15.44 7.66 12.04
C ASP C 319 15.08 9.05 11.46
N MET C 320 15.91 10.05 11.72
CA MET C 320 15.64 11.43 11.24
C MET C 320 15.82 11.48 9.72
N THR C 321 14.94 12.25 9.06
CA THR C 321 14.99 12.63 7.65
C THR C 321 16.14 13.64 7.49
N VAL C 322 16.62 13.78 6.27
CA VAL C 322 17.61 14.84 5.96
C VAL C 322 16.98 16.19 6.31
N GLU C 323 15.69 16.36 6.02
CA GLU C 323 14.93 17.62 6.23
C GLU C 323 14.95 17.97 7.73
N ALA C 324 14.60 17.04 8.60
CA ALA C 324 14.60 17.25 10.07
C ALA C 324 16.03 17.52 10.53
N THR C 325 17.01 16.74 10.08
CA THR C 325 18.44 16.85 10.52
C THR C 325 19.00 18.23 10.14
N LEU C 326 18.83 18.64 8.89
CA LEU C 326 19.33 19.93 8.34
C LEU C 326 18.74 21.13 9.12
N THR C 327 17.44 21.11 9.37
CA THR C 327 16.73 22.24 10.02
C THR C 327 17.10 22.26 11.51
N LYS C 328 17.18 21.09 12.12
CA LYS C 328 17.53 20.93 13.54
C LYS C 328 18.95 21.47 13.76
N LEU C 329 19.82 21.30 12.78
CA LEU C 329 21.21 21.82 12.79
C LEU C 329 21.18 23.36 12.65
N HIS C 330 20.41 23.91 11.73
CA HIS C 330 20.20 25.38 11.60
C HIS C 330 19.72 25.94 12.94
N TYR C 331 18.70 25.31 13.54
CA TYR C 331 18.13 25.66 14.88
C TYR C 331 19.21 25.70 15.97
N LEU C 332 19.91 24.59 16.16
CA LEU C 332 20.84 24.40 17.31
C LEU C 332 22.11 25.24 17.12
N LEU C 333 22.65 25.29 15.90
CA LEU C 333 23.86 26.07 15.56
C LEU C 333 23.58 27.57 15.79
N SER C 334 22.33 28.01 15.66
CA SER C 334 21.94 29.45 15.77
C SER C 334 21.85 29.89 17.23
N GLN C 335 22.09 28.99 18.18
CA GLN C 335 21.85 29.25 19.60
C GLN C 335 23.22 29.36 20.27
N GLU C 336 23.25 29.76 21.54
CA GLU C 336 24.49 29.97 22.34
C GLU C 336 24.95 28.63 22.91
N LEU C 337 25.14 27.61 22.06
CA LEU C 337 25.41 26.22 22.50
C LEU C 337 26.82 25.79 22.06
N ASP C 338 27.55 25.13 22.96
CA ASP C 338 28.88 24.55 22.65
C ASP C 338 28.68 23.33 21.75
N THR C 339 29.72 22.98 21.00
CA THR C 339 29.73 21.87 20.01
C THR C 339 29.23 20.58 20.66
N GLU C 340 29.62 20.34 21.90
CA GLU C 340 29.32 19.05 22.57
C GLU C 340 27.83 19.03 22.90
N THR C 341 27.25 20.15 23.29
CA THR C 341 25.80 20.23 23.65
C THR C 341 24.97 20.02 22.38
N ILE C 342 25.40 20.60 21.25
CA ILE C 342 24.72 20.42 19.94
C ILE C 342 24.79 18.93 19.57
N ARG C 343 25.97 18.31 19.66
CA ARG C 343 26.16 16.87 19.34
C ARG C 343 25.21 15.98 20.17
N LYS C 344 25.02 16.29 21.46
CA LYS C 344 24.09 15.56 22.34
C LYS C 344 22.64 15.76 21.87
N ALA C 345 22.23 17.00 21.63
CA ALA C 345 20.84 17.39 21.30
C ALA C 345 20.40 16.76 19.97
N MET C 346 21.33 16.58 19.01
CA MET C 346 21.01 16.04 17.65
C MET C 346 20.42 14.63 17.78
N SER C 347 20.83 13.86 18.79
CA SER C 347 20.41 12.45 18.96
C SER C 347 19.22 12.36 19.93
N GLN C 348 18.75 13.47 20.51
CA GLN C 348 17.56 13.51 21.40
C GLN C 348 16.33 13.94 20.60
N ASN C 349 15.16 13.50 21.06
CA ASN C 349 13.82 13.77 20.45
C ASN C 349 13.30 15.12 20.96
N LEU C 350 13.52 16.20 20.21
CA LEU C 350 13.17 17.58 20.66
C LEU C 350 11.70 17.90 20.35
N ARG C 351 11.19 17.46 19.20
CA ARG C 351 9.86 17.87 18.69
C ARG C 351 9.15 16.71 18.00
N GLY C 352 9.53 15.46 18.26
CA GLY C 352 8.80 14.28 17.72
C GLY C 352 9.42 13.83 16.40
N GLU C 353 10.59 14.37 16.02
CA GLU C 353 11.28 14.09 14.73
C GLU C 353 12.02 12.75 14.71
N LEU C 354 12.24 12.09 15.83
CA LEU C 354 12.94 10.77 15.86
C LEU C 354 12.38 9.90 16.98
N THR C 355 12.62 8.60 16.87
CA THR C 355 12.09 7.57 17.79
C THR C 355 13.24 7.19 18.71
N PRO C 356 13.17 7.46 20.04
CA PRO C 356 14.29 7.18 20.92
C PRO C 356 14.51 5.69 21.20
N VAL D 15 -4.80 2.02 -22.62
CA VAL D 15 -5.50 3.34 -22.73
C VAL D 15 -4.97 4.11 -23.93
N PRO D 16 -5.74 4.24 -25.05
CA PRO D 16 -5.39 5.17 -26.13
C PRO D 16 -5.18 6.60 -25.62
N ARG D 17 -4.19 7.31 -26.17
CA ARG D 17 -4.01 8.79 -26.00
C ARG D 17 -4.73 9.45 -27.18
N GLY D 18 -5.98 9.88 -26.98
CA GLY D 18 -6.83 10.45 -28.05
C GLY D 18 -6.42 11.87 -28.42
N SER D 19 -6.51 12.24 -29.70
CA SER D 19 -6.41 13.63 -30.21
C SER D 19 -7.22 14.59 -29.31
N HIS D 20 -6.65 15.78 -29.05
CA HIS D 20 -7.33 16.93 -28.37
C HIS D 20 -7.74 17.99 -29.42
N MET D 21 -7.44 17.74 -30.71
CA MET D 21 -7.65 18.72 -31.81
C MET D 21 -9.03 19.39 -31.68
N GLN D 22 -10.12 18.63 -31.76
CA GLN D 22 -11.50 19.19 -31.77
C GLN D 22 -12.15 19.13 -30.38
N LYS D 23 -13.13 20.00 -30.13
CA LYS D 23 -13.95 20.04 -28.87
C LYS D 23 -14.94 18.87 -28.73
N LYS D 24 -14.75 18.02 -27.72
CA LYS D 24 -15.57 16.80 -27.55
C LYS D 24 -16.92 17.17 -26.94
N SER D 25 -17.88 16.26 -27.02
CA SER D 25 -19.21 16.40 -26.40
C SER D 25 -19.46 15.10 -25.61
N ILE D 26 -19.50 15.21 -24.30
CA ILE D 26 -19.73 14.06 -23.38
C ILE D 26 -21.19 14.12 -22.88
N TYR D 27 -21.91 13.02 -22.95
CA TYR D 27 -23.24 12.84 -22.33
C TYR D 27 -23.08 12.34 -20.90
N VAL D 28 -23.77 13.02 -19.97
CA VAL D 28 -23.73 12.66 -18.53
C VAL D 28 -25.10 12.11 -18.13
N ALA D 29 -25.15 10.82 -17.81
CA ALA D 29 -26.31 10.13 -17.22
C ALA D 29 -26.25 10.34 -15.70
N TYR D 30 -27.01 11.34 -15.21
CA TYR D 30 -27.11 11.64 -13.76
C TYR D 30 -28.20 10.75 -13.16
N THR D 31 -27.81 9.55 -12.72
CA THR D 31 -28.74 8.47 -12.28
C THR D 31 -29.17 8.74 -10.84
N GLY D 32 -28.35 9.47 -10.09
CA GLY D 32 -28.57 9.72 -8.67
C GLY D 32 -27.26 9.69 -7.94
N GLY D 33 -27.31 9.35 -6.65
CA GLY D 33 -26.09 9.15 -5.87
C GLY D 33 -25.76 10.34 -4.98
N THR D 34 -24.79 10.13 -4.11
CA THR D 34 -24.32 11.07 -3.06
C THR D 34 -24.02 12.43 -3.71
N ILE D 35 -23.40 12.40 -4.89
CA ILE D 35 -22.78 13.59 -5.54
C ILE D 35 -23.84 14.69 -5.63
N GLY D 36 -25.11 14.34 -5.90
CA GLY D 36 -26.18 15.32 -6.17
C GLY D 36 -27.06 15.60 -4.96
N MET D 37 -26.76 15.03 -3.78
CA MET D 37 -27.64 15.14 -2.59
C MET D 37 -27.27 16.40 -1.79
N GLN D 38 -28.11 16.77 -0.80
CA GLN D 38 -27.87 17.90 0.14
C GLN D 38 -28.50 17.63 1.50
N HIS D 50 -30.25 20.96 -9.15
CA HIS D 50 -29.28 21.40 -8.10
C HIS D 50 -27.85 20.95 -8.45
N LEU D 51 -27.65 19.74 -8.99
CA LEU D 51 -26.32 19.30 -9.50
C LEU D 51 -25.92 20.24 -10.63
N GLN D 52 -26.81 20.37 -11.61
CA GLN D 52 -26.64 21.17 -12.85
C GLN D 52 -26.37 22.64 -12.53
N ARG D 53 -27.07 23.19 -11.54
CA ARG D 53 -26.82 24.57 -11.05
C ARG D 53 -25.46 24.64 -10.36
N GLN D 54 -25.11 23.65 -9.55
CA GLN D 54 -23.79 23.64 -8.86
C GLN D 54 -22.71 23.64 -9.93
N LEU D 55 -22.89 22.89 -11.02
CA LEU D 55 -21.84 22.74 -12.06
C LEU D 55 -21.80 24.03 -12.89
N ALA D 56 -22.93 24.69 -13.09
CA ALA D 56 -23.00 25.99 -13.79
C ALA D 56 -22.10 26.97 -13.05
N LEU D 57 -22.07 26.88 -11.72
CA LEU D 57 -21.43 27.85 -10.78
C LEU D 57 -19.94 27.54 -10.52
N MET D 58 -19.39 26.46 -11.08
CA MET D 58 -17.99 26.04 -10.84
C MET D 58 -17.19 26.26 -12.12
N PRO D 59 -16.37 27.35 -12.18
CA PRO D 59 -15.74 27.75 -13.44
C PRO D 59 -14.84 26.70 -14.14
N GLU D 60 -14.21 25.82 -13.37
CA GLU D 60 -13.31 24.76 -13.88
C GLU D 60 -14.03 23.90 -14.93
N PHE D 61 -15.33 23.72 -14.79
CA PHE D 61 -16.14 22.85 -15.68
C PHE D 61 -16.32 23.52 -17.05
N HIS D 62 -16.01 24.82 -17.18
CA HIS D 62 -16.34 25.62 -18.38
C HIS D 62 -15.10 26.13 -19.09
N ARG D 63 -13.89 25.68 -18.68
CA ARG D 63 -12.63 26.18 -19.28
C ARG D 63 -12.48 25.66 -20.70
N PRO D 64 -11.71 26.36 -21.57
CA PRO D 64 -11.47 25.90 -22.93
C PRO D 64 -10.92 24.46 -23.05
N GLU D 65 -10.14 23.99 -22.08
CA GLU D 65 -9.46 22.66 -22.13
C GLU D 65 -10.46 21.54 -21.81
N MET D 66 -11.66 21.87 -21.33
CA MET D 66 -12.69 20.88 -20.89
C MET D 66 -13.63 20.61 -22.06
N PRO D 67 -14.19 19.38 -22.15
CA PRO D 67 -15.13 19.02 -23.21
C PRO D 67 -16.44 19.76 -22.89
N ASP D 68 -17.30 19.94 -23.90
CA ASP D 68 -18.72 20.33 -23.71
C ASP D 68 -19.43 19.12 -23.10
N PHE D 69 -20.44 19.34 -22.27
CA PHE D 69 -21.18 18.18 -21.70
C PHE D 69 -22.67 18.52 -21.56
N THR D 70 -23.48 17.48 -21.60
CA THR D 70 -24.96 17.55 -21.54
C THR D 70 -25.38 16.60 -20.43
N ILE D 71 -26.17 17.08 -19.46
CA ILE D 71 -26.62 16.29 -18.27
C ILE D 71 -28.05 15.83 -18.53
N HIS D 72 -28.29 14.53 -18.51
CA HIS D 72 -29.66 13.96 -18.43
C HIS D 72 -29.91 13.59 -16.97
N GLU D 73 -30.80 14.31 -16.32
CA GLU D 73 -31.15 14.01 -14.93
C GLU D 73 -32.25 12.96 -14.94
N TYR D 74 -32.01 11.82 -14.30
CA TYR D 74 -33.01 10.73 -14.25
C TYR D 74 -34.16 11.16 -13.32
N THR D 75 -35.35 10.71 -13.65
CA THR D 75 -36.58 10.96 -12.88
C THR D 75 -37.20 9.61 -12.52
N PRO D 76 -37.27 9.20 -11.24
CA PRO D 76 -36.62 9.91 -10.14
C PRO D 76 -35.10 9.69 -10.03
N LEU D 77 -34.39 10.56 -9.31
CA LEU D 77 -32.98 10.28 -8.91
C LEU D 77 -33.02 9.15 -7.88
N MET D 78 -32.09 8.19 -7.99
CA MET D 78 -32.01 7.03 -7.06
C MET D 78 -30.75 7.05 -6.19
N ASP D 79 -30.92 6.76 -4.90
CA ASP D 79 -29.86 6.18 -4.05
C ASP D 79 -29.50 4.85 -4.67
N SER D 80 -28.21 4.63 -4.95
CA SER D 80 -27.76 3.41 -5.67
C SER D 80 -28.07 2.17 -4.84
N SER D 81 -28.31 2.30 -3.53
CA SER D 81 -28.71 1.17 -2.65
C SER D 81 -30.06 0.58 -3.11
N ASP D 82 -30.91 1.36 -3.78
CA ASP D 82 -32.31 0.96 -4.15
C ASP D 82 -32.37 0.43 -5.61
N MET D 83 -31.23 0.26 -6.26
CA MET D 83 -31.14 -0.15 -7.67
C MET D 83 -31.44 -1.63 -7.79
N THR D 84 -32.10 -2.01 -8.89
CA THR D 84 -32.40 -3.39 -9.30
C THR D 84 -31.80 -3.59 -10.67
N PRO D 85 -31.71 -4.83 -11.22
CA PRO D 85 -31.18 -5.02 -12.58
C PRO D 85 -31.91 -4.17 -13.63
N GLU D 86 -33.24 -3.95 -13.48
CA GLU D 86 -34.03 -3.04 -14.36
C GLU D 86 -33.34 -1.69 -14.53
N ASP D 87 -32.68 -1.17 -13.48
CA ASP D 87 -31.93 0.12 -13.55
C ASP D 87 -30.70 -0.02 -14.44
N TRP D 88 -30.02 -1.17 -14.44
CA TRP D 88 -28.94 -1.45 -15.40
C TRP D 88 -29.50 -1.33 -16.82
N GLN D 89 -30.63 -2.00 -17.09
CA GLN D 89 -31.30 -1.99 -18.41
C GLN D 89 -31.58 -0.54 -18.83
N HIS D 90 -32.15 0.27 -17.93
CA HIS D 90 -32.55 1.69 -18.18
C HIS D 90 -31.32 2.49 -18.65
N ILE D 91 -30.19 2.34 -17.95
CA ILE D 91 -28.95 3.09 -18.27
C ILE D 91 -28.39 2.63 -19.64
N ALA D 92 -28.35 1.32 -19.89
CA ALA D 92 -27.89 0.77 -21.18
C ALA D 92 -28.73 1.35 -22.32
N GLU D 93 -30.06 1.40 -22.16
CA GLU D 93 -30.96 1.95 -23.22
C GLU D 93 -30.65 3.44 -23.40
N ASP D 94 -30.33 4.14 -22.32
CA ASP D 94 -30.03 5.60 -22.36
C ASP D 94 -28.77 5.81 -23.19
N ILE D 95 -27.76 4.95 -22.99
CA ILE D 95 -26.47 5.05 -23.70
C ILE D 95 -26.75 4.76 -25.19
N LYS D 96 -27.58 3.74 -25.48
CA LYS D 96 -27.83 3.26 -26.87
C LYS D 96 -28.51 4.42 -27.60
N ALA D 97 -29.49 5.06 -26.94
CA ALA D 97 -30.33 6.14 -27.50
C ALA D 97 -29.46 7.33 -27.92
N HIS D 98 -28.37 7.59 -27.19
CA HIS D 98 -27.53 8.81 -27.36
C HIS D 98 -26.15 8.50 -27.94
N TYR D 99 -25.89 7.25 -28.29
CA TYR D 99 -24.56 6.73 -28.70
C TYR D 99 -24.00 7.49 -29.90
N ASP D 100 -24.78 7.60 -30.98
CA ASP D 100 -24.27 8.27 -32.21
C ASP D 100 -24.03 9.77 -32.00
N ASP D 101 -24.58 10.37 -30.95
CA ASP D 101 -24.73 11.84 -30.84
C ASP D 101 -23.61 12.44 -29.98
N TYR D 102 -22.89 11.62 -29.22
CA TYR D 102 -21.85 12.12 -28.29
C TYR D 102 -20.55 11.34 -28.50
N ASP D 103 -19.46 11.83 -27.91
CA ASP D 103 -18.12 11.22 -28.05
C ASP D 103 -17.81 10.29 -26.90
N GLY D 104 -18.67 10.25 -25.87
CA GLY D 104 -18.34 9.48 -24.66
C GLY D 104 -19.43 9.67 -23.64
N PHE D 105 -19.40 8.84 -22.60
CA PHE D 105 -20.53 8.75 -21.62
C PHE D 105 -19.93 8.76 -20.22
N VAL D 106 -20.42 9.64 -19.38
CA VAL D 106 -20.12 9.57 -17.93
C VAL D 106 -21.44 9.25 -17.20
N ILE D 107 -21.44 8.15 -16.46
CA ILE D 107 -22.61 7.69 -15.65
C ILE D 107 -22.34 8.17 -14.21
N LEU D 108 -23.04 9.19 -13.77
CA LEU D 108 -23.02 9.69 -12.35
C LEU D 108 -23.95 8.83 -11.50
N HIS D 109 -23.47 8.33 -10.38
CA HIS D 109 -24.03 7.14 -9.72
C HIS D 109 -23.68 7.19 -8.25
N GLY D 110 -24.56 6.64 -7.41
CA GLY D 110 -24.23 6.35 -6.00
C GLY D 110 -23.09 5.37 -5.90
N THR D 111 -22.23 5.50 -4.88
CA THR D 111 -21.11 4.54 -4.68
C THR D 111 -21.60 3.14 -4.28
N ASP D 112 -22.64 2.99 -3.46
CA ASP D 112 -23.04 1.69 -2.85
C ASP D 112 -23.09 0.57 -3.90
N THR D 113 -23.61 0.80 -5.10
CA THR D 113 -23.72 -0.29 -6.12
C THR D 113 -23.10 0.14 -7.45
N MET D 114 -22.19 1.11 -7.40
CA MET D 114 -21.49 1.59 -8.60
C MET D 114 -20.83 0.44 -9.31
N ALA D 115 -20.15 -0.46 -8.56
CA ALA D 115 -19.41 -1.59 -9.13
C ALA D 115 -20.38 -2.60 -9.78
N TYR D 116 -21.58 -2.83 -9.24
CA TYR D 116 -22.55 -3.75 -9.92
C TYR D 116 -23.01 -3.08 -11.23
N THR D 117 -23.31 -1.78 -11.25
CA THR D 117 -23.75 -1.12 -12.50
C THR D 117 -22.64 -1.20 -13.54
N ALA D 118 -21.41 -0.82 -13.18
CA ALA D 118 -20.28 -0.81 -14.10
C ALA D 118 -20.05 -2.23 -14.66
N SER D 119 -20.15 -3.27 -13.83
CA SER D 119 -20.02 -4.69 -14.24
C SER D 119 -21.17 -5.07 -15.21
N ALA D 120 -22.40 -4.74 -14.89
CA ALA D 120 -23.56 -5.08 -15.74
C ALA D 120 -23.39 -4.42 -17.13
N LEU D 121 -23.02 -3.14 -17.19
CA LEU D 121 -22.91 -2.45 -18.50
C LEU D 121 -21.86 -3.14 -19.39
N SER D 122 -20.75 -3.64 -18.82
CA SER D 122 -19.63 -4.25 -19.61
C SER D 122 -20.16 -5.45 -20.42
N PHE D 123 -21.02 -6.26 -19.84
CA PHE D 123 -21.61 -7.43 -20.52
C PHE D 123 -22.71 -6.99 -21.48
N MET D 124 -23.53 -5.98 -21.10
CA MET D 124 -24.74 -5.63 -21.87
C MET D 124 -24.36 -4.83 -23.13
N LEU D 125 -23.25 -4.08 -23.10
CA LEU D 125 -22.78 -3.32 -24.29
C LEU D 125 -21.80 -4.17 -25.08
N GLU D 126 -22.06 -4.46 -26.36
CA GLU D 126 -21.08 -5.17 -27.23
C GLU D 126 -20.87 -4.26 -28.43
N ASN D 127 -19.70 -4.34 -29.03
CA ASN D 127 -19.17 -3.41 -30.04
C ASN D 127 -19.09 -1.98 -29.48
N LEU D 128 -18.62 -1.84 -28.26
CA LEU D 128 -18.52 -0.52 -27.61
C LEU D 128 -17.28 0.22 -28.15
N GLY D 129 -17.48 1.33 -28.87
CA GLY D 129 -16.43 2.07 -29.60
C GLY D 129 -16.25 3.46 -29.03
N LYS D 130 -16.67 3.68 -27.78
CA LYS D 130 -16.60 5.00 -27.10
C LYS D 130 -16.55 4.73 -25.62
N PRO D 131 -15.88 5.62 -24.87
CA PRO D 131 -15.79 5.44 -23.41
C PRO D 131 -17.15 5.57 -22.71
N VAL D 132 -17.30 4.72 -21.72
CA VAL D 132 -18.38 4.87 -20.71
C VAL D 132 -17.70 4.75 -19.36
N ILE D 133 -17.79 5.84 -18.59
CA ILE D 133 -17.11 5.98 -17.29
C ILE D 133 -18.14 6.24 -16.21
N VAL D 134 -18.16 5.34 -15.22
CA VAL D 134 -19.02 5.45 -14.04
C VAL D 134 -18.16 6.13 -12.97
N THR D 135 -18.74 7.13 -12.33
CA THR D 135 -18.11 7.86 -11.21
C THR D 135 -19.21 8.44 -10.32
N GLY D 136 -18.79 8.95 -9.16
CA GLY D 136 -19.64 9.65 -8.22
C GLY D 136 -18.81 10.23 -7.11
N SER D 137 -19.31 10.17 -5.89
CA SER D 137 -18.60 10.79 -4.76
C SER D 137 -19.00 10.13 -3.45
N GLN D 138 -18.06 10.17 -2.51
CA GLN D 138 -18.30 9.68 -1.11
C GLN D 138 -19.02 10.77 -0.33
N ILE D 139 -18.83 12.04 -0.70
CA ILE D 139 -19.45 13.26 -0.08
C ILE D 139 -20.19 14.06 -1.15
N PRO D 140 -21.45 14.46 -0.90
CA PRO D 140 -22.22 15.27 -1.86
C PRO D 140 -21.53 16.56 -2.32
N LEU D 141 -21.64 16.91 -3.61
CA LEU D 141 -21.18 18.19 -4.20
C LEU D 141 -21.64 19.35 -3.30
N ALA D 142 -22.87 19.26 -2.76
CA ALA D 142 -23.51 20.23 -1.83
C ALA D 142 -22.72 20.40 -0.53
N GLU D 143 -22.28 19.29 0.07
CA GLU D 143 -21.54 19.23 1.36
C GLU D 143 -20.14 19.80 1.18
N LEU D 144 -19.45 20.02 2.31
CA LEU D 144 -18.06 20.50 2.43
C LEU D 144 -17.12 19.30 2.27
N ARG D 145 -15.94 19.53 1.71
CA ARG D 145 -14.89 18.49 1.51
C ARG D 145 -15.34 17.46 0.45
N SER D 146 -16.36 17.77 -0.36
CA SER D 146 -16.83 16.88 -1.46
C SER D 146 -15.66 16.43 -2.35
N ASP D 147 -15.71 15.16 -2.77
CA ASP D 147 -14.86 14.59 -3.84
C ASP D 147 -15.63 14.62 -5.18
N GLY D 148 -16.85 15.13 -5.22
CA GLY D 148 -17.67 15.08 -6.46
C GLY D 148 -17.10 15.92 -7.59
N GLN D 149 -16.68 17.15 -7.31
CA GLN D 149 -16.10 18.09 -8.30
C GLN D 149 -14.95 17.39 -9.00
N ILE D 150 -14.00 16.89 -8.24
CA ILE D 150 -12.76 16.33 -8.85
C ILE D 150 -13.06 14.97 -9.52
N ASN D 151 -13.92 14.11 -8.98
CA ASN D 151 -14.20 12.82 -9.67
C ASN D 151 -14.93 13.09 -10.98
N LEU D 152 -15.90 14.03 -11.02
CA LEU D 152 -16.65 14.31 -12.27
C LEU D 152 -15.76 15.08 -13.25
N LEU D 153 -15.00 16.08 -12.79
CA LEU D 153 -14.06 16.82 -13.68
C LEU D 153 -13.09 15.85 -14.37
N ASN D 154 -12.52 14.91 -13.63
CA ASN D 154 -11.54 13.94 -14.15
C ASN D 154 -12.23 12.96 -15.12
N ALA D 155 -13.39 12.46 -14.77
CA ALA D 155 -14.13 11.51 -15.65
C ALA D 155 -14.38 12.16 -17.01
N LEU D 156 -14.90 13.41 -17.01
CA LEU D 156 -15.22 14.17 -18.26
C LEU D 156 -13.96 14.30 -19.08
N TYR D 157 -12.89 14.75 -18.44
CA TYR D 157 -11.59 15.03 -19.11
C TYR D 157 -11.00 13.75 -19.69
N VAL D 158 -11.09 12.67 -18.92
CA VAL D 158 -10.63 11.34 -19.35
C VAL D 158 -11.48 10.84 -20.51
N ALA D 159 -12.80 10.88 -20.37
CA ALA D 159 -13.72 10.47 -21.43
C ALA D 159 -13.37 11.20 -22.72
N ALA D 160 -13.08 12.50 -22.67
CA ALA D 160 -12.70 13.30 -23.86
C ALA D 160 -11.33 12.89 -24.43
N ASN D 161 -10.34 12.54 -23.61
CA ASN D 161 -8.91 12.58 -24.07
C ASN D 161 -8.27 11.19 -24.02
N TYR D 162 -8.87 10.22 -23.33
CA TYR D 162 -8.28 8.87 -23.09
C TYR D 162 -9.40 7.89 -23.27
N PRO D 163 -9.92 7.81 -24.53
CA PRO D 163 -11.22 7.24 -24.82
C PRO D 163 -11.17 5.71 -24.90
N ILE D 164 -10.85 5.08 -23.77
CA ILE D 164 -10.74 3.60 -23.63
C ILE D 164 -12.13 3.03 -23.88
N ASN D 165 -12.29 2.15 -24.89
CA ASN D 165 -13.58 1.55 -25.34
C ASN D 165 -13.97 0.36 -24.44
N GLU D 166 -14.21 0.68 -23.18
CA GLU D 166 -14.78 -0.23 -22.18
C GLU D 166 -15.61 0.59 -21.22
N VAL D 167 -16.38 -0.16 -20.43
CA VAL D 167 -17.05 0.45 -19.26
C VAL D 167 -16.01 0.51 -18.15
N THR D 168 -15.71 1.73 -17.72
CA THR D 168 -14.69 1.93 -16.70
C THR D 168 -15.34 2.61 -15.51
N LEU D 169 -14.62 2.65 -14.39
CA LEU D 169 -15.06 3.32 -13.14
C LEU D 169 -13.95 4.28 -12.75
N PHE D 170 -14.22 5.58 -12.65
CA PHE D 170 -13.21 6.59 -12.23
C PHE D 170 -13.44 6.93 -10.76
N PHE D 171 -12.44 6.73 -9.92
CA PHE D 171 -12.52 7.25 -8.54
C PHE D 171 -11.15 7.58 -8.00
N ASN D 172 -11.00 8.74 -7.35
CA ASN D 172 -9.78 9.02 -6.54
C ASN D 172 -8.54 8.84 -7.41
N ASN D 173 -8.52 9.49 -8.58
CA ASN D 173 -7.37 9.63 -9.51
C ASN D 173 -6.98 8.31 -10.17
N ARG D 174 -7.85 7.30 -10.17
CA ARG D 174 -7.60 6.02 -10.90
C ARG D 174 -8.83 5.72 -11.78
N LEU D 175 -8.56 5.24 -12.98
CA LEU D 175 -9.56 4.63 -13.87
C LEU D 175 -9.35 3.11 -13.84
N TYR D 176 -10.43 2.42 -13.52
CA TYR D 176 -10.46 0.96 -13.36
C TYR D 176 -11.37 0.34 -14.42
N ARG D 177 -11.01 -0.89 -14.83
CA ARG D 177 -11.93 -1.81 -15.53
C ARG D 177 -13.17 -2.02 -14.63
N GLY D 178 -14.35 -1.57 -15.10
CA GLY D 178 -15.63 -1.65 -14.38
C GLY D 178 -15.88 -3.02 -13.76
N ASN D 179 -15.75 -4.07 -14.57
CA ASN D 179 -16.11 -5.46 -14.19
C ASN D 179 -14.96 -6.08 -13.39
N ARG D 180 -13.92 -5.29 -13.04
CA ARG D 180 -12.96 -5.73 -11.99
C ARG D 180 -13.08 -5.00 -10.62
N THR D 181 -14.03 -4.08 -10.45
CA THR D 181 -14.09 -3.23 -9.24
C THR D 181 -14.99 -3.83 -8.16
N THR D 182 -14.74 -3.41 -6.93
CA THR D 182 -15.71 -3.49 -5.80
C THR D 182 -15.48 -2.22 -4.96
N LYS D 183 -16.52 -1.77 -4.25
CA LYS D 183 -16.37 -0.76 -3.16
C LYS D 183 -15.70 -1.44 -1.95
N ALA D 184 -14.39 -1.22 -1.78
CA ALA D 184 -13.53 -1.89 -0.77
C ALA D 184 -13.47 -1.06 0.52
N HIS D 185 -13.67 0.27 0.45
CA HIS D 185 -13.40 1.19 1.58
C HIS D 185 -14.65 2.05 1.79
N ALA D 186 -15.47 1.71 2.77
CA ALA D 186 -16.81 2.33 2.93
C ALA D 186 -16.66 3.81 3.24
N ASP D 187 -15.59 4.19 3.92
CA ASP D 187 -15.47 5.54 4.50
C ASP D 187 -14.36 6.30 3.73
N GLY D 188 -13.55 5.63 2.94
CA GLY D 188 -12.40 6.26 2.26
C GLY D 188 -12.81 7.03 1.03
N PHE D 189 -12.09 8.10 0.70
CA PHE D 189 -12.20 8.65 -0.66
C PHE D 189 -11.69 7.66 -1.73
N ASP D 190 -10.69 6.82 -1.38
CA ASP D 190 -10.22 5.67 -2.22
C ASP D 190 -11.25 4.53 -2.14
N ALA D 191 -12.55 4.80 -2.32
CA ALA D 191 -13.66 3.84 -2.07
C ALA D 191 -13.51 2.57 -2.92
N PHE D 192 -13.00 2.66 -4.15
CA PHE D 192 -13.04 1.51 -5.09
C PHE D 192 -11.66 0.85 -5.18
N ALA D 193 -11.63 -0.46 -5.22
CA ALA D 193 -10.44 -1.24 -5.64
C ALA D 193 -10.78 -2.11 -6.84
N SER D 194 -9.72 -2.63 -7.47
CA SER D 194 -9.65 -3.55 -8.63
C SER D 194 -8.69 -4.66 -8.22
N PRO D 195 -9.06 -5.53 -7.27
CA PRO D 195 -8.11 -6.37 -6.56
C PRO D 195 -7.28 -7.31 -7.44
N ASN D 196 -7.79 -7.72 -8.60
CA ASN D 196 -7.13 -8.74 -9.48
C ASN D 196 -6.68 -8.12 -10.80
N LEU D 197 -6.74 -6.79 -10.94
CA LEU D 197 -6.24 -6.15 -12.19
C LEU D 197 -5.71 -4.77 -11.82
N PRO D 198 -4.52 -4.35 -12.30
CA PRO D 198 -4.09 -2.96 -12.10
C PRO D 198 -5.08 -1.96 -12.71
N PRO D 199 -4.98 -0.66 -12.34
CA PRO D 199 -5.80 0.36 -12.97
C PRO D 199 -5.46 0.51 -14.45
N LEU D 200 -6.39 1.03 -15.26
CA LEU D 200 -6.13 1.31 -16.70
C LEU D 200 -5.28 2.61 -16.79
N LEU D 201 -5.44 3.52 -15.84
CA LEU D 201 -4.94 4.93 -15.96
C LEU D 201 -4.80 5.49 -14.54
N GLU D 202 -3.75 6.28 -14.28
CA GLU D 202 -3.59 6.99 -13.00
C GLU D 202 -3.37 8.47 -13.34
N ALA D 203 -3.99 9.35 -12.56
CA ALA D 203 -3.91 10.83 -12.70
C ALA D 203 -2.92 11.37 -11.67
N GLY D 204 -1.90 12.07 -12.12
CA GLY D 204 -1.07 12.91 -11.25
C GLY D 204 -0.91 14.28 -11.89
N ILE D 205 0.30 14.83 -11.85
CA ILE D 205 0.68 16.03 -12.64
C ILE D 205 0.35 15.73 -14.10
N HIS D 206 0.61 14.50 -14.54
CA HIS D 206 0.35 13.95 -15.91
C HIS D 206 -0.70 12.84 -15.77
N ILE D 207 -1.37 12.49 -16.86
CA ILE D 207 -2.29 11.33 -16.92
C ILE D 207 -1.47 10.22 -17.56
N ARG D 208 -1.19 9.16 -16.80
CA ARG D 208 -0.37 7.99 -17.19
C ARG D 208 -1.30 6.81 -17.51
N ARG D 209 -1.25 6.33 -18.76
CA ARG D 209 -1.88 5.08 -19.22
C ARG D 209 -1.02 3.92 -18.73
N LEU D 210 -1.61 2.89 -18.12
CA LEU D 210 -0.86 1.69 -17.65
C LEU D 210 -0.97 0.62 -18.75
N ASN D 211 -0.05 -0.33 -18.85
CA ASN D 211 -0.02 -1.21 -20.04
C ASN D 211 -0.95 -2.41 -19.82
N THR D 212 -1.98 -2.26 -18.99
CA THR D 212 -2.98 -3.32 -18.73
C THR D 212 -3.51 -3.80 -20.09
N PRO D 213 -3.47 -5.12 -20.37
CA PRO D 213 -3.83 -5.63 -21.70
C PRO D 213 -5.33 -5.55 -22.01
N PRO D 214 -5.70 -5.55 -23.31
CA PRO D 214 -7.05 -5.15 -23.71
C PRO D 214 -8.07 -6.26 -23.48
N ALA D 215 -9.31 -5.83 -23.27
CA ALA D 215 -10.48 -6.74 -23.23
C ALA D 215 -10.81 -7.14 -24.66
N PRO D 216 -11.58 -8.24 -24.84
CA PRO D 216 -12.06 -8.62 -26.17
C PRO D 216 -12.93 -7.49 -26.78
N HIS D 217 -12.78 -7.26 -28.08
CA HIS D 217 -13.45 -6.14 -28.79
C HIS D 217 -14.12 -6.60 -30.10
N GLY D 218 -15.40 -6.27 -30.25
CA GLY D 218 -16.12 -6.49 -31.51
C GLY D 218 -16.01 -5.30 -32.42
N GLU D 219 -16.89 -5.21 -33.42
CA GLU D 219 -16.76 -4.13 -34.43
C GLU D 219 -18.11 -3.84 -35.04
N GLY D 220 -18.37 -2.58 -35.33
CA GLY D 220 -19.64 -2.12 -35.88
C GLY D 220 -20.47 -1.38 -34.84
N GLU D 221 -21.77 -1.31 -35.08
CA GLU D 221 -22.66 -0.45 -34.26
C GLU D 221 -22.85 -1.13 -32.90
N LEU D 222 -22.99 -0.32 -31.87
CA LEU D 222 -23.30 -0.71 -30.48
C LEU D 222 -24.51 -1.64 -30.51
N ILE D 223 -24.43 -2.76 -29.82
CA ILE D 223 -25.54 -3.73 -29.56
C ILE D 223 -25.77 -3.75 -28.06
N VAL D 224 -27.01 -3.61 -27.61
CA VAL D 224 -27.37 -3.77 -26.18
C VAL D 224 -27.93 -5.17 -26.07
N HIS D 225 -27.31 -6.00 -25.24
CA HIS D 225 -27.88 -7.28 -24.77
C HIS D 225 -28.81 -6.97 -23.61
N PRO D 226 -30.15 -7.07 -23.80
CA PRO D 226 -31.04 -6.68 -22.72
C PRO D 226 -31.01 -7.75 -21.63
N ILE D 227 -31.54 -7.39 -20.46
CA ILE D 227 -31.79 -8.36 -19.36
C ILE D 227 -33.27 -8.38 -18.95
N THR D 228 -33.65 -9.49 -18.32
CA THR D 228 -34.99 -9.66 -17.72
C THR D 228 -34.75 -10.29 -16.37
N PRO D 229 -35.65 -10.14 -15.37
CA PRO D 229 -35.36 -10.60 -14.00
C PRO D 229 -34.84 -12.04 -13.90
N GLN D 230 -33.86 -12.27 -13.02
CA GLN D 230 -33.21 -13.59 -12.80
C GLN D 230 -33.04 -13.81 -11.30
N PRO D 231 -33.70 -14.85 -10.70
CA PRO D 231 -33.54 -15.14 -9.28
C PRO D 231 -32.18 -15.81 -9.06
N ILE D 232 -31.30 -15.13 -8.32
CA ILE D 232 -29.90 -15.58 -8.06
C ILE D 232 -29.63 -15.48 -6.57
N GLY D 233 -29.18 -16.58 -5.98
CA GLY D 233 -28.77 -16.64 -4.57
C GLY D 233 -27.27 -16.41 -4.42
N VAL D 234 -26.89 -15.77 -3.33
CA VAL D 234 -25.46 -15.51 -3.00
C VAL D 234 -25.17 -16.14 -1.62
N VAL D 235 -24.60 -17.34 -1.64
CA VAL D 235 -24.33 -18.11 -0.38
C VAL D 235 -22.93 -17.75 0.05
N THR D 236 -22.77 -17.33 1.28
CA THR D 236 -21.45 -17.20 1.93
C THR D 236 -21.14 -18.53 2.59
N ILE D 237 -19.97 -19.13 2.32
CA ILE D 237 -19.46 -20.33 3.05
C ILE D 237 -18.85 -19.83 4.37
N TYR D 238 -19.30 -20.37 5.49
CA TYR D 238 -18.82 -20.00 6.83
C TYR D 238 -19.01 -21.23 7.68
N PRO D 239 -18.18 -21.43 8.71
CA PRO D 239 -18.26 -22.64 9.52
C PRO D 239 -19.66 -22.82 10.16
N GLY D 240 -20.20 -24.02 10.06
CA GLY D 240 -21.50 -24.38 10.62
C GLY D 240 -22.63 -24.23 9.60
N ILE D 241 -22.36 -23.67 8.41
CA ILE D 241 -23.35 -23.70 7.29
C ILE D 241 -23.66 -25.16 6.94
N SER D 242 -24.94 -25.49 6.78
CA SER D 242 -25.40 -26.89 6.54
C SER D 242 -25.92 -27.05 5.11
N ALA D 243 -26.18 -28.31 4.77
CA ALA D 243 -26.82 -28.73 3.51
C ALA D 243 -28.25 -28.14 3.41
N ASP D 244 -28.90 -27.77 4.51
CA ASP D 244 -30.29 -27.20 4.47
C ASP D 244 -30.31 -25.78 3.89
N VAL D 245 -29.16 -25.09 3.79
CA VAL D 245 -29.05 -23.76 3.11
C VAL D 245 -29.23 -23.93 1.60
N VAL D 246 -28.45 -24.82 0.98
CA VAL D 246 -28.57 -25.09 -0.49
C VAL D 246 -30.00 -25.57 -0.77
N ARG D 247 -30.54 -26.43 0.11
CA ARG D 247 -31.94 -26.94 -0.02
C ARG D 247 -32.92 -25.77 0.03
N ASN D 248 -32.71 -24.82 0.96
CA ASN D 248 -33.58 -23.62 1.12
C ASN D 248 -33.58 -22.77 -0.16
N PHE D 249 -32.40 -22.50 -0.73
CA PHE D 249 -32.27 -21.71 -1.99
C PHE D 249 -32.98 -22.41 -3.14
N LEU D 250 -32.87 -23.75 -3.20
CA LEU D 250 -33.56 -24.65 -4.16
C LEU D 250 -35.08 -24.62 -3.94
N ARG D 251 -35.61 -23.98 -2.89
CA ARG D 251 -36.97 -24.25 -2.34
C ARG D 251 -38.05 -23.45 -3.08
N GLN D 252 -37.70 -22.49 -3.94
CA GLN D 252 -38.67 -21.79 -4.83
C GLN D 252 -37.93 -20.85 -5.79
N PRO D 253 -37.18 -19.83 -5.29
CA PRO D 253 -36.77 -18.72 -6.15
C PRO D 253 -35.32 -18.69 -6.67
N VAL D 254 -34.81 -19.67 -7.46
CA VAL D 254 -33.38 -19.55 -7.90
C VAL D 254 -33.05 -20.28 -9.22
N LYS D 255 -32.32 -19.61 -10.11
CA LYS D 255 -31.84 -20.19 -11.38
C LYS D 255 -30.31 -20.33 -11.39
N ALA D 256 -29.64 -19.71 -10.42
CA ALA D 256 -28.16 -19.67 -10.29
C ALA D 256 -27.84 -19.44 -8.83
N LEU D 257 -26.76 -20.04 -8.37
CA LEU D 257 -26.23 -19.87 -7.01
C LEU D 257 -24.79 -19.46 -7.17
N ILE D 258 -24.40 -18.37 -6.54
CA ILE D 258 -22.98 -17.99 -6.39
C ILE D 258 -22.58 -18.50 -5.02
N LEU D 259 -21.41 -19.17 -4.95
CA LEU D 259 -20.81 -19.62 -3.68
C LEU D 259 -19.64 -18.66 -3.40
N ARG D 260 -19.65 -17.98 -2.26
CA ARG D 260 -18.46 -17.24 -1.78
C ARG D 260 -17.69 -18.20 -0.89
N SER D 261 -16.88 -19.06 -1.51
CA SER D 261 -16.07 -20.13 -0.88
C SER D 261 -14.81 -19.57 -0.24
N TYR D 262 -14.13 -20.38 0.55
CA TYR D 262 -12.88 -19.99 1.23
C TYR D 262 -11.71 -20.02 0.23
N GLY D 263 -10.72 -19.15 0.44
CA GLY D 263 -9.44 -19.20 -0.24
C GLY D 263 -9.60 -19.44 -1.72
N VAL D 264 -9.02 -20.52 -2.26
CA VAL D 264 -8.96 -20.75 -3.74
C VAL D 264 -10.18 -21.57 -4.18
N GLY D 265 -11.23 -21.58 -3.39
CA GLY D 265 -12.54 -22.10 -3.83
C GLY D 265 -12.91 -23.33 -3.02
N ASN D 266 -12.65 -23.33 -1.71
CA ASN D 266 -12.87 -24.51 -0.83
C ASN D 266 -14.19 -24.39 -0.05
N ALA D 267 -14.94 -25.48 0.03
CA ALA D 267 -16.22 -25.55 0.78
C ALA D 267 -16.22 -26.84 1.60
N PRO D 268 -17.04 -26.98 2.66
CA PRO D 268 -17.17 -28.28 3.33
C PRO D 268 -17.35 -29.42 2.30
N GLN D 269 -16.66 -30.54 2.50
CA GLN D 269 -16.67 -31.67 1.52
C GLN D 269 -17.58 -32.80 2.06
N ASN D 270 -18.41 -32.52 3.08
CA ASN D 270 -19.39 -33.50 3.65
C ASN D 270 -20.46 -33.83 2.60
N LYS D 271 -20.88 -35.09 2.54
CA LYS D 271 -21.64 -35.67 1.40
C LYS D 271 -23.00 -34.96 1.27
N ALA D 272 -23.59 -34.49 2.38
CA ALA D 272 -24.93 -33.88 2.35
C ALA D 272 -24.85 -32.61 1.49
N PHE D 273 -23.86 -31.78 1.82
CA PHE D 273 -23.59 -30.49 1.15
C PHE D 273 -23.36 -30.76 -0.34
N LEU D 274 -22.47 -31.70 -0.68
CA LEU D 274 -22.11 -32.03 -2.09
C LEU D 274 -23.29 -32.67 -2.85
N GLN D 275 -24.16 -33.41 -2.16
CA GLN D 275 -25.41 -33.98 -2.77
C GLN D 275 -26.41 -32.86 -3.12
N GLU D 276 -26.63 -31.97 -2.18
CA GLU D 276 -27.47 -30.76 -2.29
C GLU D 276 -27.06 -29.94 -3.52
N LEU D 277 -25.75 -29.74 -3.70
CA LEU D 277 -25.19 -29.00 -4.86
C LEU D 277 -25.45 -29.81 -6.13
N GLN D 278 -25.17 -31.11 -6.12
CA GLN D 278 -25.38 -31.93 -7.35
C GLN D 278 -26.88 -31.92 -7.71
N GLU D 279 -27.77 -31.97 -6.72
CA GLU D 279 -29.24 -31.90 -6.95
C GLU D 279 -29.58 -30.55 -7.61
N ALA D 280 -28.94 -29.46 -7.18
CA ALA D 280 -29.17 -28.11 -7.74
C ALA D 280 -28.78 -28.12 -9.23
N SER D 281 -27.58 -28.58 -9.56
CA SER D 281 -27.08 -28.61 -10.95
C SER D 281 -27.95 -29.56 -11.78
N ASP D 282 -28.41 -30.69 -11.21
CA ASP D 282 -29.29 -31.65 -11.92
C ASP D 282 -30.63 -30.98 -12.27
N ARG D 283 -31.10 -30.02 -11.47
CA ARG D 283 -32.32 -29.24 -11.77
C ARG D 283 -32.04 -28.08 -12.72
N GLY D 284 -30.79 -27.91 -13.20
CA GLY D 284 -30.44 -26.89 -14.21
C GLY D 284 -30.14 -25.54 -13.57
N ILE D 285 -29.83 -25.54 -12.27
CA ILE D 285 -29.33 -24.34 -11.54
C ILE D 285 -27.84 -24.20 -11.88
N VAL D 286 -27.39 -23.00 -12.28
CA VAL D 286 -25.97 -22.79 -12.62
C VAL D 286 -25.30 -22.47 -11.28
N VAL D 287 -24.43 -23.34 -10.83
CA VAL D 287 -23.71 -23.09 -9.55
C VAL D 287 -22.28 -22.64 -9.89
N VAL D 288 -21.88 -21.50 -9.37
CA VAL D 288 -20.56 -20.84 -9.65
C VAL D 288 -19.79 -20.58 -8.35
N ASN D 289 -18.54 -21.06 -8.31
CA ASN D 289 -17.63 -21.05 -7.14
C ASN D 289 -16.71 -19.82 -7.26
N LEU D 290 -16.88 -18.86 -6.35
CA LEU D 290 -15.99 -17.67 -6.25
C LEU D 290 -15.19 -17.76 -4.96
N THR D 291 -14.14 -16.94 -4.84
CA THR D 291 -13.52 -16.70 -3.52
C THR D 291 -14.28 -15.60 -2.79
N GLN D 292 -14.44 -15.76 -1.46
CA GLN D 292 -14.97 -14.70 -0.56
C GLN D 292 -13.85 -13.69 -0.30
N CYS D 293 -12.60 -14.06 -0.60
CA CYS D 293 -11.40 -13.20 -0.41
C CYS D 293 -11.47 -11.99 -1.35
N MET D 294 -10.91 -10.87 -0.93
CA MET D 294 -10.79 -9.62 -1.73
C MET D 294 -10.06 -9.93 -3.04
N SER D 295 -8.91 -10.58 -2.95
CA SER D 295 -8.11 -10.97 -4.14
C SER D 295 -7.85 -12.48 -4.15
N GLY D 296 -7.60 -12.98 -5.37
CA GLY D 296 -7.11 -14.34 -5.69
C GLY D 296 -8.02 -14.98 -6.71
N LYS D 297 -7.76 -16.26 -6.97
CA LYS D 297 -8.35 -16.99 -8.10
C LYS D 297 -8.78 -18.38 -7.64
N VAL D 298 -10.01 -18.74 -7.99
CA VAL D 298 -10.53 -20.09 -7.68
C VAL D 298 -9.77 -21.09 -8.54
N ASN D 299 -9.34 -22.19 -7.93
CA ASN D 299 -8.65 -23.32 -8.59
C ASN D 299 -9.52 -24.59 -8.58
N ALA D 308 -14.46 -32.80 -7.17
CA ALA D 308 -15.19 -32.74 -5.87
C ALA D 308 -16.43 -31.84 -6.04
N LEU D 309 -16.25 -30.53 -5.93
CA LEU D 309 -17.27 -29.52 -6.32
C LEU D 309 -17.51 -29.65 -7.82
N ALA D 310 -16.43 -29.82 -8.59
CA ALA D 310 -16.43 -30.03 -10.06
C ALA D 310 -17.34 -31.23 -10.37
N HIS D 311 -17.12 -32.35 -9.69
CA HIS D 311 -17.90 -33.62 -9.89
C HIS D 311 -19.36 -33.40 -9.46
N ALA D 312 -19.64 -32.38 -8.65
CA ALA D 312 -21.01 -32.01 -8.20
C ALA D 312 -21.66 -30.95 -9.11
N GLY D 313 -21.05 -30.64 -10.25
CA GLY D 313 -21.56 -29.73 -11.29
C GLY D 313 -21.18 -28.25 -11.08
N VAL D 314 -20.44 -27.91 -10.03
CA VAL D 314 -20.02 -26.52 -9.69
C VAL D 314 -19.00 -26.03 -10.75
N ILE D 315 -19.18 -24.80 -11.24
CA ILE D 315 -18.34 -24.17 -12.29
C ILE D 315 -17.43 -23.20 -11.55
N GLY D 316 -16.14 -23.20 -11.84
CA GLY D 316 -15.15 -22.27 -11.23
C GLY D 316 -15.26 -20.87 -11.82
N GLY D 317 -15.34 -19.84 -10.97
CA GLY D 317 -15.44 -18.46 -11.43
C GLY D 317 -14.08 -17.77 -11.44
N ALA D 318 -12.98 -18.52 -11.42
CA ALA D 318 -11.62 -17.94 -11.57
C ALA D 318 -11.49 -16.75 -10.58
N ASP D 319 -11.03 -15.58 -11.02
CA ASP D 319 -10.75 -14.43 -10.13
C ASP D 319 -11.91 -13.43 -10.24
N MET D 320 -13.10 -13.82 -10.70
CA MET D 320 -14.22 -12.85 -10.82
C MET D 320 -14.64 -12.38 -9.44
N THR D 321 -15.08 -11.11 -9.38
CA THR D 321 -15.82 -10.51 -8.25
C THR D 321 -17.25 -11.08 -8.20
N VAL D 322 -17.90 -10.89 -7.08
CA VAL D 322 -19.38 -11.13 -6.96
C VAL D 322 -20.16 -10.22 -7.91
N GLU D 323 -19.75 -8.97 -8.04
CA GLU D 323 -20.39 -7.98 -8.93
C GLU D 323 -20.27 -8.48 -10.38
N ALA D 324 -19.08 -8.92 -10.81
CA ALA D 324 -18.92 -9.41 -12.20
C ALA D 324 -19.79 -10.67 -12.40
N THR D 325 -19.72 -11.62 -11.48
CA THR D 325 -20.40 -12.92 -11.57
C THR D 325 -21.93 -12.77 -11.59
N LEU D 326 -22.48 -11.96 -10.69
CA LEU D 326 -23.92 -11.71 -10.57
C LEU D 326 -24.41 -11.08 -11.87
N THR D 327 -23.67 -10.07 -12.40
CA THR D 327 -24.11 -9.34 -13.62
C THR D 327 -23.93 -10.21 -14.88
N LYS D 328 -22.81 -10.96 -14.96
CA LYS D 328 -22.57 -11.97 -16.03
C LYS D 328 -23.75 -12.96 -16.06
N LEU D 329 -24.20 -13.46 -14.90
CA LEU D 329 -25.34 -14.44 -14.84
C LEU D 329 -26.62 -13.77 -15.35
N HIS D 330 -26.93 -12.53 -14.91
CA HIS D 330 -28.09 -11.77 -15.42
C HIS D 330 -28.04 -11.66 -16.95
N TYR D 331 -26.87 -11.38 -17.51
CA TYR D 331 -26.66 -11.28 -18.97
C TYR D 331 -26.93 -12.65 -19.63
N LEU D 332 -26.27 -13.72 -19.14
CA LEU D 332 -26.22 -15.04 -19.80
C LEU D 332 -27.60 -15.71 -19.65
N LEU D 333 -28.20 -15.68 -18.46
CA LEU D 333 -29.55 -16.28 -18.18
C LEU D 333 -30.65 -15.55 -18.97
N SER D 334 -30.44 -14.27 -19.35
CA SER D 334 -31.48 -13.49 -20.06
C SER D 334 -31.48 -13.86 -21.55
N GLN D 335 -30.46 -14.60 -22.02
CA GLN D 335 -30.31 -15.09 -23.42
C GLN D 335 -30.93 -16.51 -23.52
N GLU D 336 -31.36 -16.92 -24.71
CA GLU D 336 -31.92 -18.29 -24.93
C GLU D 336 -30.74 -19.25 -25.07
N LEU D 337 -30.08 -19.55 -23.96
CA LEU D 337 -28.90 -20.44 -23.92
C LEU D 337 -29.29 -21.65 -23.09
N ASP D 338 -28.79 -22.82 -23.49
CA ASP D 338 -28.93 -24.05 -22.69
C ASP D 338 -27.98 -23.92 -21.50
N THR D 339 -28.22 -24.72 -20.47
CA THR D 339 -27.51 -24.69 -19.18
C THR D 339 -26.01 -24.92 -19.43
N GLU D 340 -25.65 -25.84 -20.33
CA GLU D 340 -24.25 -26.23 -20.66
C GLU D 340 -23.50 -25.02 -21.23
N THR D 341 -24.13 -24.30 -22.14
CA THR D 341 -23.55 -23.12 -22.81
C THR D 341 -23.30 -22.02 -21.78
N ILE D 342 -24.26 -21.76 -20.90
CA ILE D 342 -24.11 -20.72 -19.83
C ILE D 342 -22.96 -21.12 -18.90
N ARG D 343 -22.89 -22.39 -18.53
CA ARG D 343 -21.86 -22.94 -17.61
C ARG D 343 -20.49 -22.64 -18.23
N LYS D 344 -20.33 -22.95 -19.51
CA LYS D 344 -19.05 -22.82 -20.24
C LYS D 344 -18.68 -21.34 -20.29
N ALA D 345 -19.67 -20.48 -20.44
CA ALA D 345 -19.49 -19.06 -20.77
C ALA D 345 -19.09 -18.32 -19.49
N MET D 346 -19.52 -18.88 -18.36
CA MET D 346 -19.25 -18.29 -17.02
C MET D 346 -17.74 -18.32 -16.73
N SER D 347 -17.04 -19.34 -17.24
CA SER D 347 -15.59 -19.61 -16.97
C SER D 347 -14.73 -18.93 -18.04
N GLN D 348 -15.33 -18.41 -19.10
CA GLN D 348 -14.64 -17.73 -20.23
C GLN D 348 -14.58 -16.20 -20.01
N ASN D 349 -13.52 -15.57 -20.51
CA ASN D 349 -13.30 -14.12 -20.38
C ASN D 349 -14.06 -13.44 -21.51
N LEU D 350 -15.25 -12.89 -21.23
CA LEU D 350 -16.18 -12.29 -22.24
C LEU D 350 -15.84 -10.82 -22.45
N ARG D 351 -15.33 -10.14 -21.41
CA ARG D 351 -15.23 -8.67 -21.41
C ARG D 351 -14.04 -8.17 -20.57
N GLY D 352 -13.09 -9.03 -20.18
CA GLY D 352 -11.95 -8.60 -19.33
C GLY D 352 -12.24 -8.80 -17.85
N GLU D 353 -13.30 -9.53 -17.47
CA GLU D 353 -13.68 -9.66 -16.04
C GLU D 353 -12.88 -10.80 -15.39
N LEU D 354 -12.28 -11.71 -16.15
CA LEU D 354 -11.48 -12.76 -15.51
C LEU D 354 -10.16 -13.00 -16.25
N THR D 355 -9.24 -13.65 -15.55
CA THR D 355 -7.87 -13.96 -16.06
C THR D 355 -7.83 -15.43 -16.48
N PRO D 356 -7.76 -15.75 -17.80
CA PRO D 356 -7.70 -17.14 -18.23
C PRO D 356 -6.39 -17.81 -17.78
N ASP D 357 -6.45 -19.12 -17.48
CA ASP D 357 -5.28 -19.95 -17.07
C ASP D 357 -4.24 -19.96 -18.20
#